data_3ZBG
#
_entry.id   3ZBG
#
_cell.length_a   122.249
_cell.length_b   122.249
_cell.length_c   133.081
_cell.angle_alpha   90.00
_cell.angle_beta   90.00
_cell.angle_gamma   120.00
#
_symmetry.space_group_name_H-M   'P 65'
#
loop_
_entity.id
_entity.type
_entity.pdbx_description
1 polymer '3-KETOACYL-COA THIOLASE-LIKE PROTEIN'
2 non-polymer 'DIMETHYL SULFOXIDE'
3 non-polymer (4S)-2-METHYL-2,4-PENTANEDIOL
4 water water
#
_entity_poly.entity_id   1
_entity_poly.type   'polypeptide(L)'
_entity_poly.pdbx_seq_one_letter_code
;HHHHHHSSGLVPRGSHMFRSSLTHLQAASRVFIVGGHITPFVGKGSPLFIDKKHPDFGKKKNMTLEEILATTVQGTMEHS
GLSGREGIVDQVVVGNFLGELFSSQGHLGPAAIGSLTYGQAGSKNPLMYKPAMRVEGA(OCS)ASGGLAVISAMNALKSG
SADITLAVGVEVQTTASARVGGDYLARAADYQRQRQLDDFTFPCLFAKRMKYIAEHNHFTMEDTARVAAKAYANGNKNPL
AHMHTRKLTFEQCNGEDPSNVKFLGNETYKEYLRMTDCSQVSDGGAGVVLANEEGLRKMGLSPNDSRLVEIKSIACAVSN
LYEDPDDACCMFTSRQAAQKALSMANIKPSDLNVAEVHDCFTIAEMLMYEALGIAEYGHAKDLIRNGDTTLEGRIPVNTG
GGLLSFGHPVGATGIKQIMEVYRQMKGQCEAYQMKKIPALGATLNMGGDDKTAVSAVLQNI
;
_entity_poly.pdbx_strand_id   A,B
#
loop_
_chem_comp.id
_chem_comp.type
_chem_comp.name
_chem_comp.formula
DMS non-polymer 'DIMETHYL SULFOXIDE' 'C2 H6 O S'
MPD non-polymer (4S)-2-METHYL-2,4-PENTANEDIOL 'C6 H14 O2'
#
# COMPACT_ATOMS: atom_id res chain seq x y z
N ALA A 27 1.42 30.29 -2.76
CA ALA A 27 1.40 28.89 -2.23
C ALA A 27 1.51 27.82 -3.35
N ALA A 28 1.71 28.24 -4.60
CA ALA A 28 1.59 27.35 -5.77
C ALA A 28 2.85 26.46 -5.96
N SER A 29 2.83 25.26 -5.35
CA SER A 29 4.06 24.46 -5.12
C SER A 29 4.39 23.37 -6.18
N ARG A 30 5.46 23.63 -6.89
CA ARG A 30 5.80 22.88 -8.05
C ARG A 30 6.61 21.64 -7.68
N VAL A 31 6.52 20.61 -8.52
CA VAL A 31 7.25 19.37 -8.32
C VAL A 31 8.17 19.04 -9.52
N PHE A 32 9.42 18.74 -9.22
CA PHE A 32 10.46 18.48 -10.19
C PHE A 32 10.99 17.06 -10.05
N ILE A 33 11.20 16.40 -11.19
CA ILE A 33 12.01 15.17 -11.24
C ILE A 33 13.50 15.61 -11.30
N VAL A 34 14.28 15.24 -10.30
CA VAL A 34 15.67 15.59 -10.17
C VAL A 34 16.55 14.52 -10.87
N GLY A 35 16.07 13.28 -10.89
CA GLY A 35 16.78 12.19 -11.48
C GLY A 35 16.14 10.88 -11.09
N GLY A 36 16.75 9.78 -11.52
CA GLY A 36 16.22 8.45 -11.23
C GLY A 36 17.04 7.34 -11.86
N HIS A 37 16.46 6.13 -11.89
CA HIS A 37 17.21 4.92 -12.25
C HIS A 37 16.26 3.85 -12.66
N ILE A 38 16.62 3.07 -13.68
CA ILE A 38 15.85 1.91 -14.12
C ILE A 38 16.87 0.77 -14.19
N THR A 39 16.57 -0.36 -13.56
CA THR A 39 17.42 -1.55 -13.67
C THR A 39 17.08 -2.23 -15.02
N PRO A 40 18.02 -3.06 -15.54
CA PRO A 40 17.55 -3.98 -16.54
C PRO A 40 16.32 -4.73 -16.06
N PHE A 41 15.38 -5.01 -16.95
CA PHE A 41 14.24 -5.82 -16.62
C PHE A 41 14.56 -7.23 -17.15
N VAL A 42 14.37 -8.23 -16.31
CA VAL A 42 14.83 -9.60 -16.61
C VAL A 42 13.77 -10.64 -16.37
N GLY A 43 13.84 -11.69 -17.17
CA GLY A 43 12.99 -12.85 -17.04
C GLY A 43 13.34 -13.78 -18.20
N LYS A 44 12.53 -14.81 -18.41
CA LYS A 44 12.84 -15.84 -19.43
C LYS A 44 12.96 -15.19 -20.77
N GLY A 45 14.04 -15.51 -21.49
CA GLY A 45 14.28 -14.92 -22.80
C GLY A 45 15.30 -13.81 -22.76
N SER A 46 15.70 -13.39 -21.56
CA SER A 46 16.73 -12.41 -21.45
C SER A 46 18.03 -13.13 -21.15
N PRO A 47 19.13 -12.75 -21.82
CA PRO A 47 20.43 -13.37 -21.51
C PRO A 47 20.93 -13.01 -20.11
N LEU A 48 20.34 -11.99 -19.49
CA LEU A 48 20.73 -11.62 -18.13
C LEU A 48 19.98 -12.43 -17.10
N PHE A 49 18.97 -13.17 -17.49
CA PHE A 49 18.25 -14.03 -16.56
C PHE A 49 18.96 -15.40 -16.43
N ILE A 50 19.31 -15.78 -15.21
CA ILE A 50 20.01 -17.05 -14.98
C ILE A 50 19.01 -18.17 -14.87
N ASP A 51 19.08 -19.08 -15.83
CA ASP A 51 18.31 -20.33 -15.80
C ASP A 51 19.23 -21.45 -16.31
N LYS A 52 18.73 -22.70 -16.22
CA LYS A 52 19.46 -23.91 -16.70
C LYS A 52 19.79 -23.77 -18.18
N LYS A 53 20.89 -23.10 -18.51
CA LYS A 53 21.11 -22.57 -19.87
C LYS A 53 21.97 -21.31 -19.87
N HIS A 54 22.03 -20.62 -18.72
CA HIS A 54 22.91 -19.49 -18.62
C HIS A 54 24.26 -20.03 -18.20
N PRO A 55 25.37 -19.47 -18.75
CA PRO A 55 26.74 -19.85 -18.32
C PRO A 55 26.98 -19.93 -16.80
N ASP A 56 26.24 -19.14 -16.03
CA ASP A 56 26.43 -19.10 -14.60
C ASP A 56 25.40 -19.91 -13.84
N PHE A 57 24.61 -20.75 -14.51
CA PHE A 57 23.64 -21.56 -13.74
C PHE A 57 24.40 -22.34 -12.67
N GLY A 58 23.82 -22.43 -11.47
CA GLY A 58 24.47 -23.10 -10.34
C GLY A 58 25.62 -22.33 -9.71
N LYS A 59 26.08 -21.26 -10.33
CA LYS A 59 27.23 -20.50 -9.86
C LYS A 59 26.87 -19.10 -9.35
N LYS A 60 25.87 -18.47 -9.98
CA LYS A 60 25.28 -17.18 -9.51
C LYS A 60 23.74 -17.23 -9.58
N LYS A 61 23.07 -16.36 -8.83
CA LYS A 61 21.59 -16.34 -8.82
C LYS A 61 21.03 -15.00 -9.33
N ASN A 62 19.79 -15.03 -9.77
CA ASN A 62 19.10 -13.80 -10.10
C ASN A 62 18.92 -13.01 -8.78
N MET A 63 18.81 -11.71 -8.87
CA MET A 63 18.57 -10.89 -7.67
C MET A 63 17.22 -11.25 -7.00
N THR A 64 17.25 -11.16 -5.68
CA THR A 64 16.03 -11.25 -4.84
C THR A 64 15.29 -9.88 -4.88
N LEU A 65 14.09 -9.86 -4.35
CA LEU A 65 13.37 -8.56 -4.22
C LEU A 65 14.19 -7.57 -3.42
N GLU A 66 14.79 -8.01 -2.32
CA GLU A 66 15.63 -7.14 -1.48
C GLU A 66 16.82 -6.53 -2.26
N GLU A 67 17.44 -7.35 -3.12
CA GLU A 67 18.58 -6.90 -3.91
C GLU A 67 18.12 -5.93 -4.99
N ILE A 68 16.97 -6.18 -5.60
CA ILE A 68 16.48 -5.23 -6.62
C ILE A 68 16.16 -3.89 -5.98
N LEU A 69 15.56 -3.96 -4.81
CA LEU A 69 15.24 -2.74 -4.08
C LEU A 69 16.48 -1.97 -3.67
N ALA A 70 17.47 -2.67 -3.15
CA ALA A 70 18.76 -2.07 -2.82
C ALA A 70 19.43 -1.43 -4.05
N THR A 71 19.45 -2.14 -5.15
CA THR A 71 20.05 -1.64 -6.38
C THR A 71 19.29 -0.43 -6.89
N THR A 72 17.97 -0.46 -6.77
CA THR A 72 17.13 0.64 -7.25
C THR A 72 17.27 1.88 -6.38
N VAL A 73 17.30 1.72 -5.08
CA VAL A 73 17.45 2.86 -4.18
C VAL A 73 18.81 3.47 -4.39
N GLN A 74 19.82 2.62 -4.47
CA GLN A 74 21.20 3.12 -4.57
C GLN A 74 21.42 3.83 -5.88
N GLY A 75 20.95 3.23 -6.96
CA GLY A 75 21.03 3.84 -8.27
C GLY A 75 20.28 5.14 -8.39
N THR A 76 19.11 5.20 -7.75
CA THR A 76 18.32 6.45 -7.73
C THR A 76 19.03 7.55 -6.99
N MET A 77 19.61 7.26 -5.85
CA MET A 77 20.34 8.28 -5.11
C MET A 77 21.53 8.72 -5.99
N GLU A 78 22.25 7.73 -6.50
CA GLU A 78 23.46 7.99 -7.30
C GLU A 78 23.19 8.93 -8.46
N HIS A 79 22.21 8.58 -9.26
CA HIS A 79 21.94 9.30 -10.48
C HIS A 79 21.21 10.60 -10.22
N SER A 80 20.82 10.91 -8.96
CA SER A 80 20.13 12.13 -8.64
C SER A 80 21.03 13.10 -7.91
N GLY A 81 22.31 12.80 -7.80
CA GLY A 81 23.28 13.70 -7.13
C GLY A 81 23.18 13.65 -5.63
N LEU A 82 22.64 12.57 -5.05
CA LEU A 82 22.48 12.51 -3.60
C LEU A 82 23.48 11.61 -2.90
N SER A 83 24.42 10.98 -3.64
CA SER A 83 25.42 10.13 -2.95
C SER A 83 26.22 10.93 -1.93
N GLY A 84 26.30 10.40 -0.72
CA GLY A 84 26.97 11.12 0.35
C GLY A 84 26.09 12.11 1.07
N ARG A 85 24.88 12.41 0.56
CA ARG A 85 23.99 13.31 1.31
C ARG A 85 22.53 12.78 1.35
N GLU A 86 22.42 11.45 1.43
CA GLU A 86 21.14 10.81 1.37
C GLU A 86 20.20 11.21 2.52
N GLY A 87 20.77 11.67 3.63
CA GLY A 87 19.99 12.19 4.72
C GLY A 87 19.12 13.41 4.44
N ILE A 88 19.31 14.10 3.31
CA ILE A 88 18.37 15.18 2.98
C ILE A 88 17.06 14.70 2.34
N VAL A 89 16.98 13.44 1.98
CA VAL A 89 15.72 12.85 1.56
C VAL A 89 14.81 12.78 2.80
N ASP A 90 13.57 13.23 2.66
CA ASP A 90 12.65 13.28 3.82
C ASP A 90 11.87 11.98 4.01
N GLN A 91 11.49 11.33 2.94
CA GLN A 91 10.71 10.08 3.00
C GLN A 91 10.76 9.27 1.73
N VAL A 92 10.37 8.02 1.87
CA VAL A 92 10.45 7.04 0.79
C VAL A 92 9.10 6.37 0.62
N VAL A 93 8.63 6.25 -0.62
CA VAL A 93 7.39 5.53 -0.89
C VAL A 93 7.73 4.41 -1.84
N VAL A 94 7.32 3.19 -1.50
CA VAL A 94 7.57 2.03 -2.34
C VAL A 94 6.31 1.59 -3.03
N GLY A 95 6.35 1.42 -4.33
CA GLY A 95 5.30 0.72 -5.01
C GLY A 95 5.64 -0.74 -5.31
N ASN A 96 4.67 -1.60 -5.03
CA ASN A 96 4.82 -3.05 -5.20
C ASN A 96 3.49 -3.73 -5.13
N PHE A 97 3.23 -4.68 -6.03
CA PHE A 97 1.96 -5.33 -6.04
C PHE A 97 1.92 -6.66 -5.26
N LEU A 98 2.87 -7.56 -5.53
CA LEU A 98 2.70 -8.95 -5.14
C LEU A 98 3.88 -9.54 -4.37
N GLY A 99 4.70 -8.69 -3.77
CA GLY A 99 5.85 -9.14 -2.99
C GLY A 99 5.48 -10.14 -1.88
N GLU A 100 4.31 -9.95 -1.30
CA GLU A 100 3.81 -10.79 -0.23
CA GLU A 100 3.83 -10.83 -0.25
C GLU A 100 3.60 -12.25 -0.74
N LEU A 101 3.39 -12.41 -2.05
CA LEU A 101 3.13 -13.69 -2.66
C LEU A 101 4.39 -14.27 -3.30
N PHE A 102 5.02 -13.54 -4.19
CA PHE A 102 6.19 -14.06 -4.91
C PHE A 102 7.46 -14.18 -4.06
N SER A 103 7.62 -13.32 -3.07
CA SER A 103 8.82 -13.25 -2.24
C SER A 103 8.54 -13.44 -0.75
N SER A 104 7.29 -13.76 -0.39
CA SER A 104 6.85 -13.86 1.00
C SER A 104 7.17 -12.66 1.84
N GLN A 105 7.17 -11.45 1.22
CA GLN A 105 7.70 -10.27 1.88
C GLN A 105 6.81 -9.05 1.65
N GLY A 106 6.19 -8.58 2.73
CA GLY A 106 5.51 -7.27 2.77
C GLY A 106 6.42 -6.29 3.51
N HIS A 107 5.81 -5.25 4.05
CA HIS A 107 6.53 -4.31 4.88
C HIS A 107 7.76 -3.76 4.19
N LEU A 108 7.61 -3.38 2.92
CA LEU A 108 8.79 -2.92 2.17
C LEU A 108 9.27 -1.52 2.60
N GLY A 109 8.49 -0.78 3.40
CA GLY A 109 9.01 0.49 3.92
C GLY A 109 10.34 0.33 4.65
N PRO A 110 10.35 -0.46 5.73
CA PRO A 110 11.58 -0.63 6.42
C PRO A 110 12.65 -1.41 5.62
N ALA A 111 12.24 -2.14 4.60
CA ALA A 111 13.21 -2.70 3.63
C ALA A 111 13.90 -1.59 2.88
N ALA A 112 13.10 -0.61 2.45
CA ALA A 112 13.68 0.54 1.75
C ALA A 112 14.65 1.30 2.65
N ILE A 113 14.26 1.57 3.88
CA ILE A 113 15.15 2.22 4.85
C ILE A 113 16.50 1.47 5.05
N GLY A 114 16.48 0.15 4.96
CA GLY A 114 17.73 -0.63 5.02
C GLY A 114 18.38 -0.87 3.66
N SER A 115 17.90 -0.23 2.59
CA SER A 115 18.36 -0.53 1.24
C SER A 115 19.66 0.16 0.83
N LEU A 116 19.98 1.27 1.49
CA LEU A 116 21.11 2.07 1.13
C LEU A 116 22.38 1.35 1.50
N THR A 117 22.33 0.58 2.59
CA THR A 117 23.48 -0.07 3.16
C THR A 117 23.25 -1.58 3.22
N TYR A 118 22.38 -2.09 2.35
CA TYR A 118 21.97 -3.49 2.36
C TYR A 118 23.23 -4.36 2.25
N GLY A 119 23.33 -5.40 3.07
CA GLY A 119 24.51 -6.26 3.08
C GLY A 119 25.74 -5.78 3.87
N GLN A 120 25.74 -4.55 4.39
CA GLN A 120 26.86 -4.09 5.26
C GLN A 120 26.37 -3.95 6.70
N ALA A 121 26.44 -5.06 7.44
CA ALA A 121 26.00 -5.13 8.84
C ALA A 121 26.57 -3.96 9.68
N GLY A 122 25.70 -3.31 10.45
CA GLY A 122 26.11 -2.27 11.38
C GLY A 122 26.56 -0.95 10.75
N SER A 123 26.52 -0.83 9.44
CA SER A 123 26.92 0.43 8.78
C SER A 123 26.07 1.65 9.22
N LYS A 124 26.60 2.86 9.09
CA LYS A 124 25.84 4.07 9.41
C LYS A 124 24.74 4.24 8.33
N ASN A 125 23.58 4.72 8.75
CA ASN A 125 22.44 4.71 7.83
C ASN A 125 21.64 6.00 7.94
N PRO A 126 21.87 6.90 7.02
CA PRO A 126 21.20 8.21 7.10
C PRO A 126 19.70 8.20 6.89
N LEU A 127 19.12 7.09 6.43
CA LEU A 127 17.67 6.98 6.27
C LEU A 127 16.91 6.57 7.56
N MET A 128 17.63 6.23 8.62
CA MET A 128 17.01 5.71 9.85
C MET A 128 15.95 6.65 10.39
N TYR A 129 14.79 6.08 10.69
CA TYR A 129 13.67 6.75 11.31
C TYR A 129 12.90 7.72 10.43
N LYS A 130 13.22 7.76 9.13
CA LYS A 130 12.44 8.59 8.20
C LYS A 130 11.12 7.87 7.91
N PRO A 131 10.12 8.62 7.49
CA PRO A 131 8.90 7.92 7.14
C PRO A 131 9.04 7.10 5.84
N ALA A 132 8.30 6.00 5.75
CA ALA A 132 8.28 5.14 4.59
C ALA A 132 7.06 4.25 4.63
N MET A 133 6.59 3.87 3.47
CA MET A 133 5.48 2.91 3.35
C MET A 133 5.46 2.27 1.98
N ARG A 134 4.63 1.25 1.84
CA ARG A 134 4.37 0.66 0.56
C ARG A 134 2.96 1.08 0.16
N VAL A 135 2.75 1.36 -1.13
CA VAL A 135 1.39 1.53 -1.63
C VAL A 135 1.10 0.58 -2.75
N GLU A 136 -0.18 0.31 -2.98
CA GLU A 136 -0.57 -0.70 -3.94
C GLU A 136 -1.92 -0.42 -4.60
N GLY A 137 -1.93 -0.60 -5.90
CA GLY A 137 -3.12 -0.57 -6.72
C GLY A 137 -2.81 -1.40 -8.00
N ALA A 138 -2.52 -2.68 -7.82
CA ALA A 138 -2.27 -3.58 -8.92
C ALA A 138 -1.13 -2.98 -9.76
N OCS A 139 -1.24 -3.03 -11.07
CA OCS A 139 -0.14 -2.61 -11.97
CB OCS A 139 -0.10 -3.44 -13.32
SG OCS A 139 -1.25 -4.55 -13.84
C OCS A 139 0.04 -1.09 -12.01
O OCS A 139 1.01 -0.57 -12.58
OD1 OCS A 139 -1.16 -5.00 -15.27
OD2 OCS A 139 -1.93 -3.15 -14.07
OD3 OCS A 139 -2.47 -5.05 -13.06
N ALA A 140 -0.83 -0.36 -11.28
CA ALA A 140 -0.71 1.07 -11.10
C ALA A 140 0.02 1.44 -9.83
N SER A 141 0.60 0.45 -9.12
CA SER A 141 1.28 0.75 -7.84
C SER A 141 2.42 1.74 -7.94
N GLY A 142 3.22 1.67 -9.01
CA GLY A 142 4.30 2.64 -9.22
C GLY A 142 3.79 4.05 -9.36
N GLY A 143 2.77 4.20 -10.18
CA GLY A 143 2.13 5.51 -10.32
C GLY A 143 1.58 6.05 -9.04
N LEU A 144 0.99 5.17 -8.22
CA LEU A 144 0.45 5.60 -6.93
C LEU A 144 1.52 6.03 -6.01
N ALA A 145 2.68 5.42 -6.09
CA ALA A 145 3.79 5.81 -5.23
C ALA A 145 4.26 7.24 -5.55
N VAL A 146 4.23 7.56 -6.83
CA VAL A 146 4.57 8.94 -7.31
C VAL A 146 3.54 9.95 -6.78
N ILE A 147 2.26 9.67 -6.92
CA ILE A 147 1.23 10.57 -6.36
C ILE A 147 1.39 10.79 -4.88
N SER A 148 1.64 9.69 -4.14
CA SER A 148 1.79 9.81 -2.68
C SER A 148 2.98 10.64 -2.32
N ALA A 149 4.08 10.43 -3.05
CA ALA A 149 5.28 11.24 -2.87
C ALA A 149 4.98 12.75 -3.11
N MET A 150 4.21 13.01 -4.16
CA MET A 150 3.86 14.40 -4.50
C MET A 150 2.95 15.06 -3.45
N ASN A 151 2.01 14.30 -2.88
CA ASN A 151 1.24 14.86 -1.75
C ASN A 151 2.09 15.30 -0.61
N ALA A 152 3.10 14.51 -0.28
CA ALA A 152 3.98 14.85 0.73
C ALA A 152 4.73 16.16 0.44
N LEU A 153 5.19 16.30 -0.81
CA LEU A 153 5.99 17.48 -1.20
C LEU A 153 5.11 18.75 -1.17
N LYS A 154 3.82 18.58 -1.40
CA LYS A 154 2.89 19.71 -1.47
C LYS A 154 2.26 20.03 -0.11
N SER A 155 2.50 19.22 0.93
CA SER A 155 1.75 19.32 2.18
C SER A 155 2.49 19.93 3.35
N GLY A 156 3.76 20.28 3.14
CA GLY A 156 4.58 20.74 4.23
C GLY A 156 5.41 19.64 4.85
N SER A 157 5.16 18.39 4.53
CA SER A 157 5.84 17.38 5.30
C SER A 157 7.13 16.85 4.63
N ALA A 158 7.34 17.11 3.35
CA ALA A 158 8.60 16.74 2.70
C ALA A 158 9.03 17.80 1.71
N ASP A 159 10.34 17.95 1.52
CA ASP A 159 10.88 18.77 0.38
C ASP A 159 11.59 17.94 -0.71
N ILE A 160 12.08 16.77 -0.31
CA ILE A 160 12.67 15.81 -1.24
C ILE A 160 12.13 14.40 -0.87
N THR A 161 11.69 13.66 -1.87
CA THR A 161 11.13 12.35 -1.67
C THR A 161 11.73 11.37 -2.68
N LEU A 162 11.79 10.11 -2.28
N LEU A 162 11.81 10.10 -2.28
CA LEU A 162 12.16 9.03 -3.17
CA LEU A 162 12.16 9.03 -3.20
C LEU A 162 10.94 8.18 -3.40
C LEU A 162 10.94 8.17 -3.41
N ALA A 163 10.57 7.95 -4.68
CA ALA A 163 9.51 7.02 -5.02
C ALA A 163 10.17 5.87 -5.77
N VAL A 164 10.06 4.64 -5.25
CA VAL A 164 10.67 3.48 -5.95
C VAL A 164 9.69 2.36 -6.15
N GLY A 165 9.72 1.73 -7.31
CA GLY A 165 8.81 0.65 -7.65
C GLY A 165 9.66 -0.58 -8.01
N VAL A 166 9.31 -1.71 -7.43
CA VAL A 166 10.06 -2.99 -7.57
C VAL A 166 9.10 -4.12 -7.68
N GLU A 167 9.48 -5.16 -8.42
CA GLU A 167 8.75 -6.38 -8.45
C GLU A 167 9.69 -7.55 -8.82
N VAL A 168 9.44 -8.73 -8.22
CA VAL A 168 10.05 -10.03 -8.62
C VAL A 168 8.92 -10.98 -8.84
N GLN A 169 8.83 -11.47 -10.08
CA GLN A 169 7.78 -12.39 -10.47
C GLN A 169 8.32 -13.71 -11.05
N THR A 170 9.64 -13.87 -11.12
CA THR A 170 10.22 -15.05 -11.76
C THR A 170 10.32 -16.26 -10.81
N THR A 171 9.81 -16.14 -9.59
CA THR A 171 9.99 -17.15 -8.58
C THR A 171 8.85 -18.17 -8.59
N ALA A 172 7.90 -18.03 -9.52
CA ALA A 172 6.78 -18.92 -9.60
C ALA A 172 6.53 -19.25 -11.06
N SER A 173 5.85 -20.38 -11.33
CA SER A 173 5.50 -20.76 -12.69
C SER A 173 4.57 -19.75 -13.33
N ALA A 174 4.40 -19.84 -14.65
CA ALA A 174 3.48 -18.98 -15.37
C ALA A 174 2.06 -19.03 -14.81
N ARG A 175 1.59 -20.22 -14.54
CA ARG A 175 0.22 -20.42 -14.06
C ARG A 175 0.02 -19.95 -12.65
N VAL A 176 0.98 -20.25 -11.77
CA VAL A 176 0.92 -19.72 -10.38
C VAL A 176 0.97 -18.19 -10.45
N GLY A 177 1.82 -17.65 -11.32
CA GLY A 177 1.93 -16.21 -11.56
C GLY A 177 0.63 -15.60 -11.99
N GLY A 178 -0.09 -16.30 -12.87
CA GLY A 178 -1.40 -15.88 -13.30
C GLY A 178 -2.39 -15.74 -12.18
N ASP A 179 -2.37 -16.72 -11.29
CA ASP A 179 -3.22 -16.71 -10.12
C ASP A 179 -2.85 -15.58 -9.19
N TYR A 180 -1.54 -15.29 -9.07
CA TYR A 180 -1.08 -14.16 -8.25
C TYR A 180 -1.56 -12.85 -8.86
N LEU A 181 -1.35 -12.65 -10.15
CA LEU A 181 -1.80 -11.42 -10.83
C LEU A 181 -3.32 -11.26 -10.77
N ALA A 182 -4.04 -12.38 -10.62
CA ALA A 182 -5.51 -12.34 -10.49
C ALA A 182 -5.97 -11.60 -9.25
N ARG A 183 -5.07 -11.36 -8.30
CA ARG A 183 -5.36 -10.47 -7.17
C ARG A 183 -5.76 -9.04 -7.60
N ALA A 184 -5.48 -8.68 -8.87
CA ALA A 184 -5.87 -7.36 -9.47
C ALA A 184 -7.31 -7.40 -9.94
N ALA A 185 -7.82 -8.61 -10.17
CA ALA A 185 -9.19 -8.79 -10.63
C ALA A 185 -10.16 -8.81 -9.45
N ASP A 186 -11.46 -8.91 -9.73
CA ASP A 186 -12.46 -9.20 -8.72
C ASP A 186 -12.33 -10.72 -8.60
N TYR A 187 -11.47 -11.19 -7.66
CA TYR A 187 -11.07 -12.60 -7.68
C TYR A 187 -12.27 -13.58 -7.60
N GLN A 188 -13.16 -13.35 -6.68
CA GLN A 188 -14.36 -14.22 -6.51
C GLN A 188 -15.12 -14.31 -7.82
N ARG A 189 -15.22 -13.19 -8.54
CA ARG A 189 -16.07 -13.09 -9.75
C ARG A 189 -15.36 -13.55 -10.99
N GLN A 190 -14.06 -13.33 -11.08
CA GLN A 190 -13.37 -13.45 -12.34
C GLN A 190 -12.28 -14.50 -12.43
N ARG A 191 -11.79 -15.01 -11.30
CA ARG A 191 -10.73 -16.02 -11.35
CA ARG A 191 -10.73 -16.02 -11.35
C ARG A 191 -11.16 -17.24 -12.20
N GLN A 192 -12.43 -17.60 -12.10
CA GLN A 192 -13.03 -18.71 -12.89
C GLN A 192 -12.82 -18.59 -14.42
N LEU A 193 -12.60 -17.37 -14.94
CA LEU A 193 -12.43 -17.19 -16.40
C LEU A 193 -11.34 -18.08 -16.98
N ASP A 194 -10.20 -18.16 -16.29
CA ASP A 194 -9.04 -18.86 -16.78
C ASP A 194 -7.94 -18.73 -15.74
N ASP A 195 -7.05 -19.74 -15.67
CA ASP A 195 -5.81 -19.61 -14.90
C ASP A 195 -5.03 -18.35 -15.26
N PHE A 196 -5.03 -18.01 -16.55
CA PHE A 196 -4.45 -16.75 -17.03
C PHE A 196 -5.55 -15.71 -17.05
N THR A 197 -5.94 -15.30 -15.86
CA THR A 197 -7.11 -14.47 -15.68
C THR A 197 -7.03 -13.16 -16.48
N PHE A 198 -5.89 -12.46 -16.40
CA PHE A 198 -5.75 -11.15 -17.11
C PHE A 198 -5.64 -11.27 -18.61
N PRO A 199 -4.83 -12.22 -19.09
CA PRO A 199 -4.86 -12.47 -20.51
C PRO A 199 -6.29 -12.70 -20.97
N CYS A 200 -7.05 -13.47 -20.21
CA CYS A 200 -8.44 -13.77 -20.59
C CYS A 200 -9.35 -12.54 -20.54
N LEU A 201 -9.19 -11.69 -19.53
CA LEU A 201 -9.99 -10.46 -19.45
C LEU A 201 -9.71 -9.55 -20.68
N PHE A 202 -8.46 -9.52 -21.15
CA PHE A 202 -8.18 -8.71 -22.32
C PHE A 202 -8.58 -9.39 -23.64
N ALA A 203 -8.49 -10.72 -23.67
CA ALA A 203 -9.01 -11.48 -24.81
C ALA A 203 -10.51 -11.22 -24.94
N LYS A 204 -11.20 -11.12 -23.79
CA LYS A 204 -12.64 -10.83 -23.73
C LYS A 204 -12.93 -9.42 -24.31
N ARG A 205 -12.09 -8.43 -23.99
CA ARG A 205 -12.24 -7.11 -24.63
C ARG A 205 -12.08 -7.23 -26.16
N MET A 206 -11.03 -7.94 -26.59
CA MET A 206 -10.72 -8.07 -28.01
C MET A 206 -11.82 -8.73 -28.83
N LYS A 207 -12.55 -9.66 -28.23
CA LYS A 207 -13.70 -10.26 -28.90
C LYS A 207 -14.76 -9.18 -29.20
N TYR A 208 -15.07 -8.37 -28.21
CA TYR A 208 -16.06 -7.34 -28.35
C TYR A 208 -15.56 -6.26 -29.34
N ILE A 209 -14.27 -5.93 -29.23
CA ILE A 209 -13.58 -4.96 -30.11
C ILE A 209 -13.67 -5.42 -31.58
N ALA A 210 -13.42 -6.71 -31.83
CA ALA A 210 -13.54 -7.29 -33.19
C ALA A 210 -15.00 -7.25 -33.65
N GLU A 211 -15.91 -7.64 -32.79
CA GLU A 211 -17.33 -7.61 -33.12
C GLU A 211 -17.84 -6.22 -33.44
N HIS A 212 -17.20 -5.17 -32.93
CA HIS A 212 -17.61 -3.82 -33.27
C HIS A 212 -16.70 -3.15 -34.27
N ASN A 213 -15.81 -3.91 -34.91
CA ASN A 213 -14.87 -3.41 -35.90
CA ASN A 213 -14.88 -3.38 -35.92
C ASN A 213 -14.01 -2.21 -35.42
N HIS A 214 -13.70 -2.19 -34.12
CA HIS A 214 -13.01 -1.04 -33.50
C HIS A 214 -11.55 -0.98 -33.92
N PHE A 215 -10.89 -2.15 -33.84
CA PHE A 215 -9.62 -2.43 -34.50
C PHE A 215 -9.48 -3.95 -34.64
N THR A 216 -8.41 -4.39 -35.29
CA THR A 216 -8.26 -5.80 -35.66
C THR A 216 -7.04 -6.44 -35.01
N MET A 217 -6.97 -7.77 -35.11
CA MET A 217 -5.78 -8.50 -34.65
C MET A 217 -4.56 -8.24 -35.50
N GLU A 218 -4.72 -7.70 -36.72
CA GLU A 218 -3.52 -7.20 -37.44
C GLU A 218 -3.00 -5.93 -36.81
N ASP A 219 -3.92 -5.05 -36.39
CA ASP A 219 -3.50 -3.81 -35.70
C ASP A 219 -2.70 -4.10 -34.43
N THR A 220 -3.11 -5.11 -33.68
CA THR A 220 -2.44 -5.42 -32.40
C THR A 220 -1.08 -6.07 -32.68
N ALA A 221 -0.97 -6.80 -33.79
CA ALA A 221 0.32 -7.33 -34.22
C ALA A 221 1.28 -6.19 -34.55
N ARG A 222 0.74 -5.13 -35.16
CA ARG A 222 1.54 -3.97 -35.51
CA ARG A 222 1.52 -3.97 -35.52
C ARG A 222 2.06 -3.26 -34.24
N VAL A 223 1.27 -3.27 -33.17
CA VAL A 223 1.77 -2.74 -31.91
C VAL A 223 2.98 -3.57 -31.42
N ALA A 224 2.85 -4.89 -31.39
CA ALA A 224 3.98 -5.73 -30.97
C ALA A 224 5.21 -5.52 -31.84
N ALA A 225 5.00 -5.39 -33.15
CA ALA A 225 6.15 -5.22 -34.07
C ALA A 225 6.93 -4.00 -33.66
N LYS A 226 6.20 -2.93 -33.38
CA LYS A 226 6.84 -1.68 -32.97
C LYS A 226 7.57 -1.86 -31.62
N ALA A 227 6.90 -2.49 -30.64
CA ALA A 227 7.52 -2.68 -29.28
C ALA A 227 8.83 -3.46 -29.40
N TYR A 228 8.79 -4.55 -30.15
CA TYR A 228 10.00 -5.36 -30.27
C TYR A 228 11.12 -4.66 -31.07
N ALA A 229 10.77 -3.92 -32.11
CA ALA A 229 11.77 -3.09 -32.81
C ALA A 229 12.39 -2.07 -31.87
N ASN A 230 11.55 -1.38 -31.08
CA ASN A 230 12.09 -0.43 -30.12
C ASN A 230 12.96 -1.11 -29.03
N GLY A 231 12.49 -2.24 -28.49
CA GLY A 231 13.28 -2.99 -27.49
C GLY A 231 14.66 -3.43 -27.98
N ASN A 232 14.72 -3.76 -29.29
CA ASN A 232 16.01 -4.12 -29.94
C ASN A 232 17.02 -3.01 -29.85
N LYS A 233 16.56 -1.79 -29.61
CA LYS A 233 17.48 -0.66 -29.42
C LYS A 233 17.77 -0.31 -27.97
N ASN A 234 17.23 -1.12 -27.06
CA ASN A 234 17.28 -0.83 -25.60
C ASN A 234 17.89 -1.95 -24.76
N PRO A 235 19.17 -1.81 -24.37
CA PRO A 235 19.85 -2.86 -23.60
C PRO A 235 19.19 -3.21 -22.26
N LEU A 236 18.31 -2.36 -21.73
CA LEU A 236 17.60 -2.65 -20.49
C LEU A 236 16.38 -3.55 -20.71
N ALA A 237 15.90 -3.69 -21.96
CA ALA A 237 14.68 -4.38 -22.24
C ALA A 237 14.82 -5.88 -22.05
N HIS A 238 13.84 -6.45 -21.36
CA HIS A 238 13.68 -7.91 -21.19
C HIS A 238 13.85 -8.61 -22.53
N MET A 239 13.18 -8.11 -23.56
CA MET A 239 13.18 -8.76 -24.88
C MET A 239 14.16 -8.12 -25.87
N HIS A 240 15.16 -7.41 -25.35
CA HIS A 240 16.15 -6.74 -26.18
C HIS A 240 16.68 -7.58 -27.33
N THR A 241 16.98 -8.85 -27.04
CA THR A 241 17.60 -9.75 -28.01
C THR A 241 16.61 -10.46 -28.95
N ARG A 242 15.30 -10.31 -28.71
CA ARG A 242 14.30 -11.03 -29.50
C ARG A 242 13.81 -10.16 -30.64
N LYS A 243 13.91 -10.69 -31.87
CA LYS A 243 13.47 -9.96 -33.06
C LYS A 243 12.22 -10.64 -33.59
N LEU A 244 11.18 -9.86 -33.84
CA LEU A 244 9.93 -10.39 -34.32
C LEU A 244 9.42 -9.50 -35.46
N THR A 245 9.06 -10.12 -36.58
CA THR A 245 8.42 -9.40 -37.67
C THR A 245 6.96 -9.21 -37.37
N PHE A 246 6.34 -8.25 -38.05
CA PHE A 246 4.88 -8.14 -38.08
C PHE A 246 4.21 -9.48 -38.36
N GLU A 247 4.78 -10.25 -39.30
CA GLU A 247 4.14 -11.50 -39.72
C GLU A 247 4.15 -12.49 -38.59
N GLN A 248 5.28 -12.58 -37.87
CA GLN A 248 5.33 -13.43 -36.68
C GLN A 248 4.33 -12.98 -35.61
N CYS A 249 4.25 -11.65 -35.41
CA CYS A 249 3.35 -11.05 -34.41
C CYS A 249 1.94 -11.29 -34.81
N ASN A 250 1.71 -11.43 -36.12
CA ASN A 250 0.36 -11.69 -36.62
C ASN A 250 -0.05 -13.17 -36.68
N GLY A 251 0.80 -14.05 -36.17
CA GLY A 251 0.42 -15.45 -36.02
C GLY A 251 1.07 -16.39 -37.01
N GLU A 252 1.91 -15.87 -37.90
CA GLU A 252 2.69 -16.69 -38.86
C GLU A 252 4.00 -17.10 -38.20
N ASP A 253 3.83 -17.84 -37.14
CA ASP A 253 4.94 -18.44 -36.45
C ASP A 253 4.24 -19.46 -35.58
N PRO A 254 4.59 -20.74 -35.76
CA PRO A 254 3.90 -21.82 -35.07
C PRO A 254 4.02 -21.69 -33.55
N SER A 255 5.14 -21.14 -33.08
CA SER A 255 5.41 -20.95 -31.67
C SER A 255 4.65 -19.75 -31.05
N ASN A 256 4.07 -18.88 -31.88
CA ASN A 256 3.22 -17.78 -31.37
C ASN A 256 1.80 -18.28 -31.11
N VAL A 257 1.64 -19.03 -30.04
CA VAL A 257 0.45 -19.86 -29.77
C VAL A 257 -0.72 -19.07 -29.18
N LYS A 258 -1.94 -19.51 -29.47
CA LYS A 258 -3.14 -19.05 -28.78
C LYS A 258 -3.36 -19.90 -27.55
N PHE A 259 -2.84 -19.46 -26.41
CA PHE A 259 -2.59 -20.32 -25.27
C PHE A 259 -3.72 -20.39 -24.25
N LEU A 260 -4.76 -19.54 -24.36
CA LEU A 260 -5.78 -19.52 -23.31
C LEU A 260 -6.59 -20.82 -23.31
N GLY A 261 -7.11 -21.15 -22.13
CA GLY A 261 -7.96 -22.32 -21.95
C GLY A 261 -9.42 -22.04 -22.27
N ASN A 262 -9.88 -20.82 -21.98
CA ASN A 262 -11.29 -20.43 -22.12
C ASN A 262 -11.62 -20.40 -23.64
N GLU A 263 -12.48 -21.31 -24.08
CA GLU A 263 -12.79 -21.47 -25.50
CA GLU A 263 -12.81 -21.49 -25.50
C GLU A 263 -13.51 -20.26 -26.11
N THR A 264 -14.25 -19.52 -25.29
CA THR A 264 -14.96 -18.31 -25.76
C THR A 264 -14.01 -17.22 -26.20
N TYR A 265 -12.82 -17.17 -25.59
CA TYR A 265 -11.89 -16.05 -25.81
C TYR A 265 -10.55 -16.43 -26.42
N LYS A 266 -10.26 -17.74 -26.48
CA LYS A 266 -8.97 -18.29 -26.92
C LYS A 266 -8.43 -17.74 -28.25
N GLU A 267 -9.30 -17.50 -29.22
CA GLU A 267 -8.85 -17.14 -30.56
C GLU A 267 -8.38 -15.69 -30.67
N TYR A 268 -8.58 -14.93 -29.61
CA TYR A 268 -8.32 -13.49 -29.68
C TYR A 268 -7.03 -13.01 -29.00
N LEU A 269 -6.15 -13.93 -28.61
CA LEU A 269 -4.89 -13.57 -27.97
C LEU A 269 -3.74 -14.53 -28.29
N ARG A 270 -2.64 -13.97 -28.78
CA ARG A 270 -1.43 -14.70 -29.07
C ARG A 270 -0.39 -14.38 -27.99
N MET A 271 0.60 -15.26 -27.86
CA MET A 271 1.72 -15.05 -26.98
C MET A 271 2.30 -13.65 -27.12
N THR A 272 2.51 -13.20 -28.35
CA THR A 272 3.19 -11.93 -28.59
C THR A 272 2.31 -10.73 -28.25
N ASP A 273 1.02 -10.98 -28.05
CA ASP A 273 0.14 -9.90 -27.59
C ASP A 273 0.31 -9.56 -26.10
N CYS A 274 1.14 -10.33 -25.37
CA CYS A 274 1.19 -10.23 -23.90
C CYS A 274 2.47 -9.58 -23.43
N SER A 275 2.35 -8.74 -22.39
CA SER A 275 3.49 -8.19 -21.70
C SER A 275 4.24 -9.29 -20.95
N GLN A 276 5.49 -9.02 -20.60
CA GLN A 276 6.37 -9.99 -19.98
C GLN A 276 6.20 -10.16 -18.47
N VAL A 277 6.50 -11.37 -18.00
CA VAL A 277 6.69 -11.60 -16.57
C VAL A 277 8.14 -11.25 -16.24
N SER A 278 8.37 -10.10 -15.59
CA SER A 278 9.71 -9.57 -15.38
C SER A 278 10.03 -9.21 -13.95
N ASP A 279 11.32 -9.17 -13.66
CA ASP A 279 11.84 -8.66 -12.41
C ASP A 279 12.51 -7.34 -12.77
N GLY A 280 12.41 -6.36 -11.89
CA GLY A 280 13.12 -5.10 -12.12
C GLY A 280 12.67 -4.03 -11.18
N GLY A 281 13.40 -2.92 -11.21
CA GLY A 281 13.06 -1.76 -10.38
C GLY A 281 13.25 -0.46 -11.11
N ALA A 282 12.51 0.56 -10.69
CA ALA A 282 12.70 1.91 -11.19
C ALA A 282 12.47 2.88 -10.04
N GLY A 283 13.29 3.91 -9.95
CA GLY A 283 13.19 4.90 -8.91
C GLY A 283 13.28 6.31 -9.47
N VAL A 284 12.72 7.26 -8.73
CA VAL A 284 12.75 8.71 -9.06
C VAL A 284 12.88 9.55 -7.80
N VAL A 285 13.63 10.65 -7.89
CA VAL A 285 13.73 11.63 -6.81
C VAL A 285 12.90 12.82 -7.24
N LEU A 286 11.99 13.24 -6.35
CA LEU A 286 11.07 14.33 -6.60
C LEU A 286 11.32 15.37 -5.53
N ALA A 287 11.33 16.64 -5.95
CA ALA A 287 11.64 17.73 -5.04
C ALA A 287 10.68 18.87 -5.34
N ASN A 288 10.38 19.63 -4.31
CA ASN A 288 9.69 20.90 -4.49
C ASN A 288 10.79 21.97 -4.57
N GLU A 289 10.41 23.24 -4.60
CA GLU A 289 11.41 24.32 -4.77
C GLU A 289 12.37 24.41 -3.60
N GLU A 290 11.87 24.23 -2.37
CA GLU A 290 12.73 24.19 -1.21
C GLU A 290 13.71 22.99 -1.28
N GLY A 291 13.24 21.88 -1.82
CA GLY A 291 14.11 20.69 -2.00
C GLY A 291 15.25 20.96 -2.96
N LEU A 292 14.93 21.59 -4.09
CA LEU A 292 15.95 22.03 -5.06
C LEU A 292 16.99 22.92 -4.37
N ARG A 293 16.52 23.88 -3.57
CA ARG A 293 17.41 24.80 -2.87
C ARG A 293 18.37 24.06 -1.95
N LYS A 294 17.87 23.11 -1.18
CA LYS A 294 18.73 22.29 -0.28
C LYS A 294 19.77 21.50 -1.04
N MET A 295 19.50 21.14 -2.28
CA MET A 295 20.44 20.41 -3.09
C MET A 295 21.38 21.33 -3.91
N GLY A 296 21.21 22.65 -3.80
CA GLY A 296 22.03 23.61 -4.60
C GLY A 296 21.57 23.72 -6.04
N LEU A 297 20.27 23.50 -6.32
CA LEU A 297 19.74 23.57 -7.68
C LEU A 297 18.73 24.69 -7.81
N SER A 298 18.66 25.26 -9.00
CA SER A 298 17.64 26.23 -9.35
CA SER A 298 17.64 26.23 -9.34
C SER A 298 16.52 25.52 -10.07
N PRO A 299 15.31 26.05 -10.03
CA PRO A 299 14.24 25.41 -10.77
C PRO A 299 14.35 25.42 -12.29
N ASN A 300 15.33 26.18 -12.83
CA ASN A 300 15.53 26.22 -14.31
C ASN A 300 16.67 25.33 -14.72
N ASP A 301 17.21 24.54 -13.78
CA ASP A 301 18.33 23.64 -14.07
C ASP A 301 17.95 22.64 -15.15
N SER A 302 18.81 22.48 -16.17
CA SER A 302 18.46 21.66 -17.35
C SER A 302 18.47 20.16 -17.09
N ARG A 303 18.89 19.71 -15.91
CA ARG A 303 18.73 18.30 -15.56
C ARG A 303 17.29 17.98 -15.05
N LEU A 304 16.43 18.99 -14.94
CA LEU A 304 15.10 18.83 -14.34
C LEU A 304 14.02 18.61 -15.32
N VAL A 305 12.96 17.92 -14.88
CA VAL A 305 11.69 17.88 -15.61
C VAL A 305 10.59 18.19 -14.60
N GLU A 306 9.63 19.02 -14.98
CA GLU A 306 8.57 19.42 -14.07
C GLU A 306 7.41 18.51 -14.27
N ILE A 307 6.86 18.01 -13.16
CA ILE A 307 5.58 17.37 -13.23
C ILE A 307 4.50 18.45 -13.12
N LYS A 308 3.88 18.75 -14.26
CA LYS A 308 2.91 19.82 -14.32
C LYS A 308 1.60 19.38 -13.69
N SER A 309 1.27 18.10 -13.77
CA SER A 309 0.05 17.60 -13.20
C SER A 309 0.12 16.10 -13.04
N ILE A 310 -0.65 15.58 -12.06
CA ILE A 310 -0.83 14.14 -11.89
C ILE A 310 -2.27 13.93 -11.37
N ALA A 311 -2.96 12.90 -11.89
CA ALA A 311 -4.33 12.60 -11.51
C ALA A 311 -4.47 11.12 -11.39
N CYS A 312 -5.40 10.73 -10.50
CA CYS A 312 -5.77 9.33 -10.28
C CYS A 312 -7.25 9.18 -10.35
N ALA A 313 -7.72 8.12 -11.00
CA ALA A 313 -9.16 7.78 -11.07
C ALA A 313 -9.29 6.29 -10.81
N VAL A 314 -10.28 5.93 -10.02
CA VAL A 314 -10.53 4.54 -9.68
C VAL A 314 -12.01 4.23 -9.83
N SER A 315 -12.31 3.14 -10.49
CA SER A 315 -13.66 2.70 -10.74
C SER A 315 -14.04 1.50 -9.84
N ASN A 316 -15.11 0.76 -10.16
CA ASN A 316 -15.69 -0.25 -9.28
C ASN A 316 -15.17 -1.61 -9.65
N LEU A 317 -14.39 -2.20 -8.74
CA LEU A 317 -13.85 -3.53 -8.98
C LEU A 317 -14.89 -4.56 -9.37
N TYR A 318 -16.06 -4.40 -8.79
CA TYR A 318 -17.09 -5.42 -8.85
C TYR A 318 -17.99 -5.32 -10.10
N GLU A 319 -17.85 -4.25 -10.88
CA GLU A 319 -18.75 -4.03 -12.06
C GLU A 319 -17.96 -3.51 -13.23
N ASP A 320 -18.27 -4.06 -14.42
CA ASP A 320 -17.55 -3.74 -15.62
C ASP A 320 -18.46 -2.94 -16.59
N PRO A 321 -17.92 -1.87 -17.20
CA PRO A 321 -18.71 -1.17 -18.22
C PRO A 321 -19.02 -2.11 -19.42
N ASP A 322 -20.18 -1.92 -20.05
CA ASP A 322 -20.54 -2.68 -21.27
C ASP A 322 -19.54 -2.46 -22.42
N ASP A 323 -19.15 -1.20 -22.64
CA ASP A 323 -18.32 -0.85 -23.80
C ASP A 323 -16.85 -1.20 -23.59
N ALA A 324 -16.53 -2.45 -23.96
CA ALA A 324 -15.16 -2.95 -23.91
C ALA A 324 -14.19 -2.18 -24.82
N CYS A 325 -14.73 -1.36 -25.74
CA CYS A 325 -13.92 -0.52 -26.64
C CYS A 325 -13.44 0.78 -26.04
N CYS A 326 -13.80 1.07 -24.80
CA CYS A 326 -13.33 2.27 -24.13
C CYS A 326 -12.78 1.98 -22.69
N MET A 327 -11.56 2.43 -22.40
CA MET A 327 -11.01 2.35 -21.01
C MET A 327 -11.40 3.63 -20.31
N PHE A 328 -12.63 3.66 -19.82
CA PHE A 328 -13.17 4.87 -19.21
C PHE A 328 -12.40 5.40 -18.06
N THR A 329 -11.81 4.50 -17.26
CA THR A 329 -11.09 5.00 -16.04
C THR A 329 -9.80 5.68 -16.43
N SER A 330 -9.03 5.02 -17.30
CA SER A 330 -7.83 5.59 -17.84
C SER A 330 -8.13 6.90 -18.59
N ARG A 331 -9.24 6.93 -19.32
CA ARG A 331 -9.65 8.13 -20.03
C ARG A 331 -9.86 9.28 -19.04
N GLN A 332 -10.59 9.00 -17.93
CA GLN A 332 -10.76 9.99 -16.87
C GLN A 332 -9.50 10.50 -16.26
N ALA A 333 -8.55 9.62 -15.90
CA ALA A 333 -7.31 10.08 -15.34
C ALA A 333 -6.53 10.98 -16.33
N ALA A 334 -6.40 10.55 -17.57
CA ALA A 334 -5.64 11.33 -18.58
C ALA A 334 -6.34 12.67 -18.83
N GLN A 335 -7.64 12.65 -18.99
CA GLN A 335 -8.38 13.93 -19.20
C GLN A 335 -8.21 14.90 -18.03
N LYS A 336 -8.21 14.39 -16.77
CA LYS A 336 -7.95 15.21 -15.59
C LYS A 336 -6.55 15.80 -15.63
N ALA A 337 -5.55 14.95 -15.89
CA ALA A 337 -4.16 15.38 -15.93
C ALA A 337 -3.92 16.47 -17.01
N LEU A 338 -4.44 16.24 -18.20
CA LEU A 338 -4.25 17.19 -19.32
C LEU A 338 -4.94 18.53 -19.03
N SER A 339 -6.14 18.43 -18.51
CA SER A 339 -6.88 19.58 -18.11
C SER A 339 -6.18 20.36 -17.01
N MET A 340 -5.65 19.68 -15.99
CA MET A 340 -4.89 20.37 -14.95
C MET A 340 -3.62 21.06 -15.48
N ALA A 341 -2.97 20.47 -16.47
CA ALA A 341 -1.75 21.02 -17.04
C ALA A 341 -2.08 22.09 -18.11
N ASN A 342 -3.35 22.21 -18.44
CA ASN A 342 -3.84 23.13 -19.45
C ASN A 342 -3.25 22.85 -20.83
N ILE A 343 -3.19 21.57 -21.22
CA ILE A 343 -2.72 21.18 -22.56
C ILE A 343 -3.74 20.25 -23.18
N LYS A 344 -3.62 20.02 -24.50
CA LYS A 344 -4.44 19.03 -25.20
C LYS A 344 -3.57 17.86 -25.64
N PRO A 345 -4.19 16.76 -25.98
CA PRO A 345 -3.36 15.62 -26.39
C PRO A 345 -2.47 15.92 -27.62
N SER A 346 -2.94 16.78 -28.53
CA SER A 346 -2.17 17.15 -29.73
C SER A 346 -0.94 17.96 -29.36
N ASP A 347 -0.85 18.46 -28.14
CA ASP A 347 0.37 19.12 -27.68
C ASP A 347 1.48 18.17 -27.25
N LEU A 348 1.15 16.90 -27.04
CA LEU A 348 2.13 15.94 -26.50
C LEU A 348 3.17 15.60 -27.59
N ASN A 349 4.44 15.49 -27.19
CA ASN A 349 5.54 15.08 -28.06
C ASN A 349 6.00 13.62 -27.83
N VAL A 350 5.67 13.04 -26.66
CA VAL A 350 6.06 11.68 -26.34
C VAL A 350 5.09 11.16 -25.29
N ALA A 351 4.90 9.85 -25.24
CA ALA A 351 4.07 9.25 -24.19
C ALA A 351 4.56 7.84 -23.82
N GLU A 352 4.23 7.43 -22.58
CA GLU A 352 4.40 6.08 -22.10
C GLU A 352 3.00 5.65 -21.64
N VAL A 353 2.55 4.54 -22.18
CA VAL A 353 1.22 4.02 -21.89
C VAL A 353 1.34 2.56 -21.44
N HIS A 354 0.26 2.08 -20.85
CA HIS A 354 0.22 0.77 -20.17
C HIS A 354 -0.16 -0.33 -21.15
N ASP A 355 0.83 -0.75 -21.92
CA ASP A 355 0.64 -1.83 -22.89
C ASP A 355 0.78 -3.21 -22.24
N CYS A 356 -0.07 -3.51 -21.27
CA CYS A 356 0.04 -4.83 -20.61
C CYS A 356 -0.34 -5.91 -21.65
N PHE A 357 -1.18 -5.54 -22.63
CA PHE A 357 -1.37 -6.32 -23.85
C PHE A 357 -1.28 -5.37 -25.04
N THR A 358 -1.03 -5.89 -26.24
CA THR A 358 -1.16 -5.09 -27.45
C THR A 358 -2.51 -4.39 -27.53
N ILE A 359 -3.53 -5.12 -27.12
CA ILE A 359 -4.92 -4.67 -27.08
C ILE A 359 -5.02 -3.43 -26.19
N ALA A 360 -4.37 -3.46 -25.04
CA ALA A 360 -4.35 -2.31 -24.15
C ALA A 360 -3.69 -1.09 -24.76
N GLU A 361 -2.58 -1.25 -25.49
CA GLU A 361 -1.92 -0.08 -26.11
C GLU A 361 -2.87 0.69 -27.03
N MET A 362 -3.63 -0.03 -27.82
CA MET A 362 -4.57 0.58 -28.77
C MET A 362 -5.60 1.39 -27.99
N LEU A 363 -6.19 0.78 -26.95
CA LEU A 363 -7.14 1.48 -26.07
C LEU A 363 -6.56 2.67 -25.32
N MET A 364 -5.30 2.56 -24.93
CA MET A 364 -4.58 3.65 -24.34
C MET A 364 -4.45 4.87 -25.28
N TYR A 365 -4.24 4.67 -26.58
CA TYR A 365 -4.16 5.83 -27.49
C TYR A 365 -5.48 6.66 -27.44
N GLU A 366 -6.59 5.96 -27.38
CA GLU A 366 -7.89 6.61 -27.34
C GLU A 366 -8.19 7.18 -25.94
N ALA A 367 -7.77 6.48 -24.88
CA ALA A 367 -7.92 7.02 -23.49
C ALA A 367 -7.11 8.26 -23.27
N LEU A 368 -5.87 8.28 -23.76
CA LEU A 368 -5.01 9.44 -23.64
C LEU A 368 -5.53 10.64 -24.51
N GLY A 369 -6.20 10.28 -25.59
CA GLY A 369 -6.83 11.26 -26.48
C GLY A 369 -5.99 11.56 -27.70
N ILE A 370 -4.90 10.83 -27.92
CA ILE A 370 -4.09 11.10 -29.12
C ILE A 370 -4.76 10.52 -30.36
N ALA A 371 -5.74 9.64 -30.19
CA ALA A 371 -6.63 9.19 -31.26
C ALA A 371 -8.03 9.34 -30.73
N GLU A 372 -8.98 9.66 -31.60
CA GLU A 372 -10.38 9.65 -31.27
C GLU A 372 -10.87 8.24 -31.12
N TYR A 373 -12.03 8.08 -30.51
CA TYR A 373 -12.68 6.79 -30.35
C TYR A 373 -12.82 6.15 -31.70
N GLY A 374 -12.29 4.94 -31.86
CA GLY A 374 -12.35 4.21 -33.13
C GLY A 374 -11.21 4.51 -34.09
N HIS A 375 -10.25 5.35 -33.69
CA HIS A 375 -9.15 5.77 -34.57
C HIS A 375 -7.76 5.44 -34.11
N ALA A 376 -7.60 4.72 -33.00
CA ALA A 376 -6.28 4.20 -32.68
C ALA A 376 -5.70 3.45 -33.91
N LYS A 377 -6.58 2.76 -34.63
CA LYS A 377 -6.15 1.99 -35.79
C LYS A 377 -5.50 2.89 -36.86
N ASP A 378 -5.93 4.14 -36.99
CA ASP A 378 -5.28 5.09 -37.91
C ASP A 378 -3.83 5.32 -37.52
N LEU A 379 -3.59 5.51 -36.21
CA LEU A 379 -2.27 5.81 -35.76
C LEU A 379 -1.33 4.65 -36.01
N ILE A 380 -1.75 3.42 -35.70
CA ILE A 380 -0.84 2.29 -35.75
C ILE A 380 -0.58 1.88 -37.21
N ARG A 381 -1.58 2.06 -38.07
CA ARG A 381 -1.43 1.84 -39.52
C ARG A 381 -0.53 2.87 -40.20
N ASN A 382 -0.52 4.12 -39.73
CA ASN A 382 0.34 5.14 -40.28
C ASN A 382 1.71 5.27 -39.68
N GLY A 383 1.98 4.59 -38.56
CA GLY A 383 3.27 4.71 -37.90
C GLY A 383 3.44 5.94 -37.02
N ASP A 384 2.34 6.62 -36.69
CA ASP A 384 2.42 7.87 -35.92
C ASP A 384 3.01 7.72 -34.51
N THR A 385 2.97 6.49 -33.95
CA THR A 385 3.51 6.22 -32.62
C THR A 385 4.85 5.49 -32.60
N THR A 386 5.46 5.30 -33.78
CA THR A 386 6.82 4.78 -33.90
C THR A 386 7.79 5.86 -33.53
N LEU A 387 9.06 5.51 -33.35
CA LEU A 387 10.12 6.48 -33.06
C LEU A 387 10.25 7.64 -34.03
N GLU A 388 9.84 7.42 -35.26
CA GLU A 388 9.93 8.43 -36.34
C GLU A 388 8.58 9.15 -36.51
N GLY A 389 7.54 8.72 -35.79
CA GLY A 389 6.25 9.35 -35.89
C GLY A 389 6.10 10.66 -35.13
N ARG A 390 4.98 11.34 -35.32
CA ARG A 390 4.79 12.64 -34.65
C ARG A 390 4.43 12.51 -33.16
N ILE A 391 4.08 11.30 -32.70
CA ILE A 391 3.83 11.10 -31.26
C ILE A 391 4.36 9.72 -30.82
N PRO A 392 5.69 9.62 -30.64
CA PRO A 392 6.23 8.34 -30.30
C PRO A 392 5.71 7.85 -28.92
N VAL A 393 5.29 6.59 -28.86
CA VAL A 393 4.76 5.99 -27.62
C VAL A 393 5.61 4.78 -27.26
N ASN A 394 6.05 4.69 -25.99
CA ASN A 394 6.76 3.49 -25.50
C ASN A 394 8.03 3.22 -26.35
N THR A 395 8.88 4.23 -26.36
CA THR A 395 10.02 4.32 -27.25
C THR A 395 11.08 3.27 -26.98
N GLY A 396 11.08 2.73 -25.75
CA GLY A 396 12.04 1.73 -25.34
C GLY A 396 11.51 0.30 -25.29
N GLY A 397 10.29 0.07 -25.75
CA GLY A 397 9.74 -1.30 -25.80
C GLY A 397 8.44 -1.54 -25.07
N GLY A 398 8.04 -0.61 -24.21
CA GLY A 398 6.81 -0.80 -23.43
C GLY A 398 6.82 -2.04 -22.53
N LEU A 399 5.68 -2.31 -21.93
CA LEU A 399 5.49 -3.47 -21.10
C LEU A 399 5.71 -4.74 -21.91
N LEU A 400 5.42 -4.67 -23.22
CA LEU A 400 5.55 -5.80 -24.13
C LEU A 400 7.00 -6.32 -24.27
N SER A 401 7.95 -5.41 -24.47
CA SER A 401 9.36 -5.76 -24.73
C SER A 401 10.31 -5.30 -23.65
N PHE A 402 10.17 -4.05 -23.18
CA PHE A 402 10.98 -3.59 -22.03
C PHE A 402 10.67 -4.55 -20.86
N GLY A 403 9.40 -4.87 -20.68
CA GLY A 403 9.00 -5.82 -19.67
C GLY A 403 8.15 -5.15 -18.60
N HIS A 404 7.61 -5.97 -17.70
CA HIS A 404 6.54 -5.54 -16.79
C HIS A 404 6.73 -6.14 -15.39
N PRO A 405 7.76 -5.67 -14.65
CA PRO A 405 7.78 -5.90 -13.23
C PRO A 405 6.75 -4.91 -12.64
N VAL A 406 5.60 -5.44 -12.27
CA VAL A 406 4.37 -4.66 -12.14
C VAL A 406 4.57 -3.37 -11.31
N GLY A 407 5.10 -3.49 -10.11
CA GLY A 407 5.32 -2.33 -9.27
C GLY A 407 6.25 -1.28 -9.83
N ALA A 408 7.26 -1.69 -10.62
CA ALA A 408 8.20 -0.77 -11.25
C ALA A 408 7.60 0.00 -12.41
N THR A 409 6.62 -0.54 -13.08
CA THR A 409 6.16 -0.01 -14.38
C THR A 409 5.78 1.48 -14.36
N GLY A 410 5.00 1.90 -13.37
CA GLY A 410 4.59 3.30 -13.28
C GLY A 410 5.74 4.26 -13.16
N ILE A 411 6.80 3.90 -12.43
CA ILE A 411 7.93 4.80 -12.26
C ILE A 411 8.84 4.70 -13.52
N LYS A 412 8.98 3.51 -14.10
CA LYS A 412 9.70 3.38 -15.35
C LYS A 412 9.08 4.32 -16.40
N GLN A 413 7.77 4.46 -16.45
CA GLN A 413 7.12 5.33 -17.44
C GLN A 413 7.62 6.76 -17.31
N ILE A 414 7.62 7.25 -16.07
CA ILE A 414 8.02 8.60 -15.76
C ILE A 414 9.47 8.79 -16.13
N MET A 415 10.30 7.84 -15.75
CA MET A 415 11.72 7.93 -16.07
C MET A 415 12.07 7.81 -17.57
N GLU A 416 11.29 7.09 -18.34
CA GLU A 416 11.47 7.01 -19.78
C GLU A 416 11.14 8.32 -20.49
N VAL A 417 10.11 9.04 -20.04
CA VAL A 417 9.85 10.41 -20.54
C VAL A 417 11.00 11.30 -20.16
N TYR A 418 11.42 11.22 -18.90
CA TYR A 418 12.54 11.98 -18.44
C TYR A 418 13.79 11.73 -19.29
N ARG A 419 14.09 10.46 -19.55
CA ARG A 419 15.28 10.09 -20.30
C ARG A 419 15.23 10.63 -21.72
N GLN A 420 14.09 10.49 -22.39
CA GLN A 420 13.94 11.07 -23.72
C GLN A 420 14.16 12.57 -23.70
N MET A 421 13.61 13.21 -22.68
CA MET A 421 13.71 14.67 -22.57
C MET A 421 15.10 15.17 -22.31
N LYS A 422 15.93 14.37 -21.65
CA LYS A 422 17.30 14.74 -21.34
C LYS A 422 18.31 14.12 -22.32
N GLY A 423 17.83 13.54 -23.41
CA GLY A 423 18.70 12.95 -24.43
C GLY A 423 19.48 11.71 -24.04
N GLN A 424 18.95 10.87 -23.17
CA GLN A 424 19.78 9.79 -22.59
C GLN A 424 19.48 8.40 -23.15
N CYS A 425 18.62 8.31 -24.16
CA CYS A 425 18.13 7.00 -24.62
C CYS A 425 18.99 6.33 -25.72
N GLU A 426 20.07 6.97 -26.12
CA GLU A 426 21.06 6.34 -27.05
C GLU A 426 20.41 5.83 -28.30
N ALA A 427 20.44 4.52 -28.54
CA ALA A 427 19.92 3.97 -29.82
C ALA A 427 18.46 4.23 -30.05
N TYR A 428 17.67 4.46 -28.99
CA TYR A 428 16.25 4.78 -29.19
C TYR A 428 15.88 6.23 -28.84
N GLN A 429 16.88 7.09 -28.73
CA GLN A 429 16.68 8.48 -28.51
C GLN A 429 15.92 9.16 -29.65
N MET A 430 14.92 9.92 -29.26
CA MET A 430 14.17 10.71 -30.23
C MET A 430 15.10 11.81 -30.79
N LYS A 431 15.02 12.00 -32.10
CA LYS A 431 15.78 13.04 -32.83
C LYS A 431 15.38 14.42 -32.37
N LYS A 432 14.08 14.64 -32.23
CA LYS A 432 13.56 15.90 -31.71
C LYS A 432 13.31 15.74 -30.19
N ILE A 433 14.07 16.43 -29.35
CA ILE A 433 13.93 16.32 -27.87
C ILE A 433 12.53 16.76 -27.46
N PRO A 434 11.73 15.86 -26.82
CA PRO A 434 10.32 16.24 -26.54
C PRO A 434 10.18 17.33 -25.48
N ALA A 435 9.27 18.27 -25.70
CA ALA A 435 9.04 19.36 -24.78
C ALA A 435 7.99 18.90 -23.73
N LEU A 436 6.96 18.19 -24.17
CA LEU A 436 5.85 17.73 -23.32
C LEU A 436 5.63 16.26 -23.50
N GLY A 437 5.36 15.58 -22.38
CA GLY A 437 5.11 14.15 -22.42
C GLY A 437 4.01 13.80 -21.41
N ALA A 438 3.42 12.64 -21.62
CA ALA A 438 2.37 12.12 -20.71
C ALA A 438 2.69 10.65 -20.40
N THR A 439 2.29 10.25 -19.19
CA THR A 439 2.23 8.86 -18.77
C THR A 439 0.81 8.45 -18.50
N LEU A 440 0.52 7.19 -18.75
CA LEU A 440 -0.74 6.63 -18.40
C LEU A 440 -0.52 5.18 -17.90
N ASN A 441 -0.67 5.04 -16.57
CA ASN A 441 -0.40 3.78 -15.83
C ASN A 441 -1.74 3.22 -15.36
N MET A 442 -1.98 1.94 -15.55
CA MET A 442 -3.26 1.32 -15.26
C MET A 442 -3.10 0.11 -14.34
N GLY A 443 -4.11 -0.10 -13.48
CA GLY A 443 -4.16 -1.25 -12.59
C GLY A 443 -5.36 -2.09 -12.94
N GLY A 444 -5.12 -3.40 -13.02
CA GLY A 444 -6.18 -4.33 -13.30
C GLY A 444 -6.82 -4.03 -14.65
N ASP A 445 -8.09 -4.39 -14.78
CA ASP A 445 -8.80 -4.23 -16.05
C ASP A 445 -9.42 -2.85 -16.05
N ASP A 446 -8.55 -1.85 -16.19
CA ASP A 446 -8.96 -0.43 -16.15
C ASP A 446 -9.77 -0.09 -14.91
N LYS A 447 -9.30 -0.56 -13.72
CA LYS A 447 -9.94 -0.19 -12.46
C LYS A 447 -9.22 0.91 -11.68
N THR A 448 -7.91 1.06 -11.87
CA THR A 448 -7.14 2.16 -11.35
C THR A 448 -6.38 2.77 -12.52
N ALA A 449 -6.28 4.09 -12.52
CA ALA A 449 -5.42 4.77 -13.50
C ALA A 449 -4.76 5.98 -12.92
N VAL A 450 -3.51 6.21 -13.32
CA VAL A 450 -2.74 7.33 -12.85
C VAL A 450 -2.07 7.92 -14.10
N SER A 451 -2.24 9.21 -14.31
CA SER A 451 -1.70 9.91 -15.49
C SER A 451 -0.99 11.17 -15.08
N ALA A 452 0.20 11.42 -15.66
CA ALA A 452 0.97 12.58 -15.35
C ALA A 452 1.31 13.31 -16.67
N VAL A 453 1.46 14.64 -16.55
CA VAL A 453 1.91 15.52 -17.66
C VAL A 453 3.23 16.07 -17.21
N LEU A 454 4.26 15.83 -18.03
CA LEU A 454 5.62 16.23 -17.74
C LEU A 454 6.09 17.30 -18.75
N GLN A 455 6.85 18.25 -18.27
CA GLN A 455 7.34 19.37 -19.08
C GLN A 455 8.81 19.52 -18.95
N ASN A 456 9.48 19.51 -20.10
CA ASN A 456 10.93 19.56 -20.10
C ASN A 456 11.35 20.94 -19.67
N ILE A 457 12.43 21.01 -18.92
CA ILE A 457 12.98 22.25 -18.48
C ILE A 457 14.34 22.42 -19.17
N ALA B 27 0.01 29.07 7.60
CA ALA B 27 0.76 27.82 7.27
C ALA B 27 -0.22 26.64 7.07
N ALA B 28 0.08 25.46 7.60
CA ALA B 28 -0.71 24.26 7.25
C ALA B 28 -2.19 24.31 7.73
N SER B 29 -3.04 23.65 6.94
CA SER B 29 -4.39 23.44 7.38
C SER B 29 -4.45 22.41 8.56
N ARG B 30 -5.40 22.67 9.43
CA ARG B 30 -5.73 21.81 10.54
C ARG B 30 -6.54 20.64 10.04
N VAL B 31 -6.50 19.52 10.76
CA VAL B 31 -7.22 18.31 10.39
C VAL B 31 -8.15 17.89 11.54
N PHE B 32 -9.36 17.48 11.20
CA PHE B 32 -10.38 17.16 12.15
C PHE B 32 -10.95 15.80 11.86
N ILE B 33 -11.22 15.04 12.91
CA ILE B 33 -12.01 13.84 12.82
C ILE B 33 -13.50 14.25 12.89
N VAL B 34 -14.25 13.91 11.86
CA VAL B 34 -15.66 14.29 11.73
C VAL B 34 -16.52 13.19 12.29
N GLY B 35 -16.07 11.94 12.17
CA GLY B 35 -16.78 10.78 12.69
C GLY B 35 -16.10 9.54 12.18
N GLY B 36 -16.65 8.38 12.52
CA GLY B 36 -16.12 7.12 12.03
C GLY B 36 -16.87 5.94 12.55
N HIS B 37 -16.34 4.74 12.38
CA HIS B 37 -17.06 3.52 12.61
C HIS B 37 -16.10 2.42 12.97
N ILE B 38 -16.50 1.55 13.90
CA ILE B 38 -15.80 0.27 14.15
C ILE B 38 -16.75 -0.92 14.08
N THR B 39 -16.45 -1.96 13.31
CA THR B 39 -17.29 -3.13 13.27
C THR B 39 -16.97 -3.96 14.53
N PRO B 40 -17.90 -4.85 14.94
CA PRO B 40 -17.43 -5.87 15.90
C PRO B 40 -16.21 -6.54 15.32
N PHE B 41 -15.27 -6.93 16.16
CA PHE B 41 -14.14 -7.73 15.72
C PHE B 41 -14.44 -9.15 16.11
N VAL B 42 -14.30 -10.08 15.18
CA VAL B 42 -14.76 -11.43 15.36
C VAL B 42 -13.67 -12.41 15.04
N GLY B 43 -13.74 -13.56 15.70
CA GLY B 43 -12.87 -14.68 15.43
C GLY B 43 -13.23 -15.78 16.46
N LYS B 44 -12.40 -16.81 16.56
CA LYS B 44 -12.64 -17.93 17.54
C LYS B 44 -12.76 -17.39 18.95
N GLY B 45 -13.84 -17.77 19.66
CA GLY B 45 -14.13 -17.27 20.98
C GLY B 45 -15.18 -16.20 21.01
N SER B 46 -15.59 -15.69 19.84
CA SER B 46 -16.67 -14.73 19.81
C SER B 46 -17.93 -15.46 19.45
N PRO B 47 -19.02 -15.22 20.18
CA PRO B 47 -20.31 -15.83 19.81
C PRO B 47 -20.81 -15.36 18.43
N LEU B 48 -20.26 -14.26 17.92
CA LEU B 48 -20.65 -13.75 16.60
C LEU B 48 -19.91 -14.43 15.49
N PHE B 49 -18.90 -15.26 15.79
CA PHE B 49 -18.14 -15.97 14.81
C PHE B 49 -18.75 -17.35 14.56
N ILE B 50 -19.01 -17.67 13.29
CA ILE B 50 -19.68 -18.92 12.92
C ILE B 50 -18.67 -20.01 12.68
N ASP B 51 -18.70 -21.01 13.56
CA ASP B 51 -17.87 -22.20 13.46
C ASP B 51 -18.73 -23.41 13.85
N LYS B 52 -18.17 -24.63 13.67
CA LYS B 52 -18.85 -25.89 13.99
C LYS B 52 -19.22 -25.91 15.46
N LYS B 53 -20.36 -25.31 15.82
CA LYS B 53 -20.60 -24.95 17.23
C LYS B 53 -21.50 -23.71 17.33
N HIS B 54 -21.57 -22.93 16.26
CA HIS B 54 -22.50 -21.81 16.22
C HIS B 54 -23.83 -22.34 15.73
N PRO B 55 -24.96 -21.84 16.29
CA PRO B 55 -26.31 -22.26 15.84
C PRO B 55 -26.52 -22.23 14.32
N ASP B 56 -25.80 -21.35 13.63
CA ASP B 56 -25.96 -21.19 12.20
C ASP B 56 -24.89 -21.86 11.39
N PHE B 57 -24.08 -22.74 11.98
CA PHE B 57 -23.08 -23.43 11.16
C PHE B 57 -23.79 -24.16 9.99
N GLY B 58 -23.18 -24.13 8.80
CA GLY B 58 -23.81 -24.71 7.60
C GLY B 58 -24.99 -23.95 7.03
N LYS B 59 -25.49 -22.94 7.74
CA LYS B 59 -26.68 -22.17 7.33
C LYS B 59 -26.37 -20.71 6.96
N LYS B 60 -25.40 -20.08 7.66
CA LYS B 60 -24.88 -18.74 7.32
C LYS B 60 -23.33 -18.74 7.42
N LYS B 61 -22.69 -17.78 6.75
CA LYS B 61 -21.22 -17.72 6.76
C LYS B 61 -20.76 -16.43 7.40
N ASN B 62 -19.52 -16.43 7.83
CA ASN B 62 -18.90 -15.20 8.28
C ASN B 62 -18.70 -14.24 7.07
N MET B 63 -18.59 -12.96 7.34
CA MET B 63 -18.32 -11.98 6.29
C MET B 63 -16.99 -12.23 5.60
N THR B 64 -17.01 -12.02 4.29
CA THR B 64 -15.80 -12.00 3.46
C THR B 64 -15.10 -10.64 3.62
N LEU B 65 -13.88 -10.52 3.07
CA LEU B 65 -13.19 -9.23 3.13
C LEU B 65 -14.04 -8.14 2.43
N GLU B 66 -14.63 -8.50 1.27
CA GLU B 66 -15.47 -7.53 0.51
C GLU B 66 -16.63 -7.07 1.37
N GLU B 67 -17.23 -7.98 2.12
CA GLU B 67 -18.35 -7.61 3.00
C GLU B 67 -17.93 -6.74 4.12
N ILE B 68 -16.77 -7.05 4.71
CA ILE B 68 -16.31 -6.21 5.82
C ILE B 68 -16.04 -4.81 5.33
N LEU B 69 -15.42 -4.75 4.17
CA LEU B 69 -15.10 -3.46 3.60
C LEU B 69 -16.38 -2.63 3.29
N ALA B 70 -17.35 -3.27 2.69
CA ALA B 70 -18.67 -2.64 2.46
C ALA B 70 -19.29 -2.13 3.75
N THR B 71 -19.28 -2.99 4.80
CA THR B 71 -19.88 -2.62 6.08
C THR B 71 -19.15 -1.49 6.67
N THR B 72 -17.83 -1.54 6.56
CA THR B 72 -17.03 -0.47 7.15
C THR B 72 -17.20 0.89 6.43
N VAL B 73 -17.16 0.86 5.12
CA VAL B 73 -17.31 2.14 4.31
C VAL B 73 -18.71 2.71 4.57
N GLN B 74 -19.71 1.84 4.56
CA GLN B 74 -21.12 2.30 4.79
C GLN B 74 -21.31 2.82 6.17
N GLY B 75 -20.83 2.08 7.17
CA GLY B 75 -20.90 2.58 8.55
C GLY B 75 -20.19 3.85 8.84
N THR B 76 -19.03 4.01 8.21
CA THR B 76 -18.30 5.25 8.35
C THR B 76 -19.05 6.44 7.76
N MET B 77 -19.60 6.28 6.55
CA MET B 77 -20.40 7.38 5.97
C MET B 77 -21.57 7.66 6.89
N GLU B 78 -22.23 6.59 7.28
CA GLU B 78 -23.42 6.61 8.16
CA GLU B 78 -23.43 6.75 8.06
C GLU B 78 -23.19 7.43 9.42
N HIS B 79 -22.09 7.15 10.11
CA HIS B 79 -21.77 7.83 11.36
C HIS B 79 -20.99 9.12 11.20
N SER B 80 -20.66 9.55 9.97
CA SER B 80 -20.01 10.83 9.75
C SER B 80 -20.91 11.84 9.02
N GLY B 81 -22.19 11.55 8.93
CA GLY B 81 -23.16 12.55 8.41
C GLY B 81 -23.04 12.80 6.91
N LEU B 82 -22.54 11.80 6.20
CA LEU B 82 -22.33 11.91 4.76
C LEU B 82 -23.35 11.19 3.90
N SER B 83 -24.38 10.56 4.47
CA SER B 83 -25.32 9.85 3.64
C SER B 83 -25.98 10.84 2.64
N GLY B 84 -26.04 10.41 1.36
CA GLY B 84 -26.61 11.23 0.31
C GLY B 84 -25.63 12.16 -0.35
N ARG B 85 -24.54 12.49 0.35
CA ARG B 85 -23.63 13.48 -0.12
C ARG B 85 -22.21 12.87 -0.13
N GLU B 86 -22.12 11.57 -0.38
CA GLU B 86 -20.84 10.87 -0.30
C GLU B 86 -19.89 11.36 -1.36
N GLY B 87 -20.44 12.01 -2.41
CA GLY B 87 -19.60 12.65 -3.39
C GLY B 87 -18.73 13.76 -2.96
N ILE B 88 -18.97 14.35 -1.77
CA ILE B 88 -18.06 15.36 -1.29
C ILE B 88 -16.75 14.77 -0.72
N VAL B 89 -16.68 13.46 -0.55
CA VAL B 89 -15.38 12.82 -0.17
C VAL B 89 -14.45 12.94 -1.39
N ASP B 90 -13.26 13.43 -1.18
CA ASP B 90 -12.32 13.61 -2.30
C ASP B 90 -11.51 12.37 -2.66
N GLN B 91 -11.11 11.61 -1.64
CA GLN B 91 -10.20 10.47 -1.82
C GLN B 91 -10.52 9.38 -0.77
N VAL B 92 -10.19 8.14 -1.11
CA VAL B 92 -10.31 7.03 -0.17
C VAL B 92 -8.94 6.32 -0.05
N VAL B 93 -8.48 6.07 1.19
CA VAL B 93 -7.25 5.30 1.40
C VAL B 93 -7.60 4.08 2.23
N VAL B 94 -7.19 2.89 1.78
CA VAL B 94 -7.49 1.62 2.46
C VAL B 94 -6.19 1.07 3.09
N GLY B 95 -6.24 0.81 4.38
CA GLY B 95 -5.18 0.06 5.03
C GLY B 95 -5.52 -1.39 5.12
N ASN B 96 -4.60 -2.23 4.67
CA ASN B 96 -4.76 -3.67 4.70
C ASN B 96 -3.42 -4.30 4.56
N PHE B 97 -3.16 -5.37 5.31
CA PHE B 97 -1.87 -6.03 5.27
C PHE B 97 -1.85 -7.22 4.37
N LEU B 98 -2.79 -8.18 4.55
CA LEU B 98 -2.61 -9.52 4.02
C LEU B 98 -3.79 -10.06 3.24
N GLY B 99 -4.63 -9.16 2.71
CA GLY B 99 -5.74 -9.56 1.87
C GLY B 99 -5.39 -10.39 0.66
N GLU B 100 -4.21 -10.14 0.09
CA GLU B 100 -3.72 -10.94 -1.06
CA GLU B 100 -3.72 -10.93 -1.07
C GLU B 100 -3.47 -12.41 -0.70
N LEU B 101 -3.26 -12.67 0.58
CA LEU B 101 -2.97 -14.06 1.05
C LEU B 101 -4.24 -14.68 1.59
N PHE B 102 -4.88 -14.05 2.55
CA PHE B 102 -5.99 -14.69 3.24
C PHE B 102 -7.26 -14.71 2.38
N SER B 103 -7.39 -13.75 1.46
CA SER B 103 -8.61 -13.59 0.62
C SER B 103 -8.34 -13.61 -0.88
N SER B 104 -7.12 -13.91 -1.27
CA SER B 104 -6.72 -13.86 -2.66
C SER B 104 -7.08 -12.53 -3.38
N GLN B 105 -7.06 -11.42 -2.65
CA GLN B 105 -7.55 -10.16 -3.17
C GLN B 105 -6.66 -8.99 -2.77
N GLY B 106 -6.00 -8.40 -3.77
CA GLY B 106 -5.36 -7.09 -3.65
C GLY B 106 -6.27 -6.03 -4.25
N HIS B 107 -5.69 -4.89 -4.65
CA HIS B 107 -6.43 -3.87 -5.41
C HIS B 107 -7.64 -3.44 -4.68
N LEU B 108 -7.50 -3.15 -3.38
CA LEU B 108 -8.71 -2.82 -2.61
C LEU B 108 -9.16 -1.36 -2.84
N GLY B 109 -8.36 -0.53 -3.53
CA GLY B 109 -8.86 0.79 -3.94
C GLY B 109 -10.20 0.69 -4.65
N PRO B 110 -10.24 -0.03 -5.78
CA PRO B 110 -11.51 -0.11 -6.52
C PRO B 110 -12.56 -0.95 -5.80
N ALA B 111 -12.14 -1.81 -4.85
CA ALA B 111 -13.11 -2.52 -3.97
C ALA B 111 -13.78 -1.50 -3.07
N ALA B 112 -13.03 -0.55 -2.57
CA ALA B 112 -13.60 0.50 -1.75
C ALA B 112 -14.57 1.39 -2.56
N ILE B 113 -14.18 1.72 -3.78
CA ILE B 113 -15.06 2.53 -4.64
C ILE B 113 -16.39 1.82 -4.83
N GLY B 114 -16.35 0.51 -4.97
CA GLY B 114 -17.57 -0.30 -5.08
C GLY B 114 -18.28 -0.65 -3.78
N SER B 115 -17.84 -0.09 -2.67
CA SER B 115 -18.30 -0.57 -1.35
C SER B 115 -19.58 0.07 -0.88
N LEU B 116 -19.85 1.27 -1.39
CA LEU B 116 -20.96 2.08 -0.93
C LEU B 116 -22.24 1.47 -1.41
N THR B 117 -22.22 0.80 -2.56
CA THR B 117 -23.38 0.22 -3.16
C THR B 117 -23.19 -1.29 -3.38
N TYR B 118 -22.29 -1.94 -2.62
CA TYR B 118 -21.93 -3.34 -2.80
C TYR B 118 -23.18 -4.20 -2.81
N GLY B 119 -23.31 -5.08 -3.81
CA GLY B 119 -24.47 -5.95 -3.92
C GLY B 119 -25.74 -5.34 -4.51
N GLN B 120 -25.73 -4.05 -4.84
CA GLN B 120 -26.82 -3.46 -5.62
C GLN B 120 -26.32 -3.18 -7.05
N ALA B 121 -26.39 -4.22 -7.89
CA ALA B 121 -25.95 -4.16 -9.28
C ALA B 121 -26.47 -2.91 -10.01
N GLY B 122 -25.56 -2.21 -10.69
CA GLY B 122 -25.94 -1.09 -11.55
C GLY B 122 -26.40 0.17 -10.83
N SER B 123 -26.40 0.16 -9.50
CA SER B 123 -26.78 1.37 -8.73
C SER B 123 -25.85 2.55 -9.03
N LYS B 124 -26.35 3.77 -8.82
CA LYS B 124 -25.55 4.94 -9.05
C LYS B 124 -24.55 5.07 -7.89
N ASN B 125 -23.36 5.56 -8.22
CA ASN B 125 -22.24 5.48 -7.25
C ASN B 125 -21.45 6.76 -7.26
N PRO B 126 -21.66 7.62 -6.26
CA PRO B 126 -20.98 8.90 -6.21
C PRO B 126 -19.47 8.85 -5.98
N LEU B 127 -18.92 7.67 -5.66
CA LEU B 127 -17.48 7.54 -5.49
C LEU B 127 -16.74 7.24 -6.80
N MET B 128 -17.49 7.02 -7.88
CA MET B 128 -16.88 6.65 -9.17
C MET B 128 -15.86 7.62 -9.63
N TYR B 129 -14.68 7.09 -9.99
CA TYR B 129 -13.54 7.85 -10.51
C TYR B 129 -12.76 8.71 -9.54
N LYS B 130 -13.03 8.60 -8.23
CA LYS B 130 -12.23 9.29 -7.24
C LYS B 130 -10.90 8.57 -7.04
N PRO B 131 -9.93 9.28 -6.54
CA PRO B 131 -8.67 8.59 -6.28
C PRO B 131 -8.81 7.67 -5.11
N ALA B 132 -8.19 6.51 -5.22
CA ALA B 132 -8.18 5.50 -4.13
C ALA B 132 -6.96 4.63 -4.26
N MET B 133 -6.47 4.13 -3.12
CA MET B 133 -5.35 3.19 -3.11
C MET B 133 -5.33 2.40 -1.81
N ARG B 134 -4.50 1.36 -1.80
CA ARG B 134 -4.22 0.62 -0.58
C ARG B 134 -2.83 1.03 -0.13
N VAL B 135 -2.66 1.23 1.17
CA VAL B 135 -1.35 1.47 1.75
C VAL B 135 -1.03 0.33 2.75
N GLU B 136 0.26 0.05 2.91
CA GLU B 136 0.67 -1.09 3.73
C GLU B 136 1.99 -0.88 4.43
N GLY B 137 1.95 -1.15 5.71
CA GLY B 137 3.16 -1.21 6.58
C GLY B 137 2.79 -2.20 7.71
N ALA B 138 2.55 -3.44 7.35
CA ALA B 138 2.29 -4.50 8.38
C ALA B 138 1.16 -4.05 9.28
N OCS B 139 1.29 -4.19 10.60
CA OCS B 139 0.20 -3.86 11.52
CB OCS B 139 0.14 -4.79 12.77
SG OCS B 139 1.29 -5.95 13.13
C OCS B 139 0.04 -2.35 11.71
O OCS B 139 -0.89 -1.91 12.37
OD1 OCS B 139 1.98 -4.80 13.57
OD2 OCS B 139 2.69 -6.43 12.15
OD3 OCS B 139 1.24 -6.67 14.51
N ALA B 140 0.92 -1.55 11.09
CA ALA B 140 0.75 -0.10 11.05
C ALA B 140 -0.03 0.38 9.81
N SER B 141 -0.55 -0.52 9.02
CA SER B 141 -1.25 -0.14 7.74
C SER B 141 -2.37 0.84 7.98
N GLY B 142 -3.16 0.67 9.06
CA GLY B 142 -4.20 1.67 9.35
C GLY B 142 -3.68 3.05 9.70
N GLY B 143 -2.65 3.13 10.52
CA GLY B 143 -2.01 4.37 10.82
C GLY B 143 -1.46 5.10 9.59
N LEU B 144 -0.83 4.34 8.72
CA LEU B 144 -0.30 4.85 7.46
C LEU B 144 -1.43 5.36 6.55
N ALA B 145 -2.60 4.75 6.62
CA ALA B 145 -3.78 5.21 5.82
C ALA B 145 -4.16 6.60 6.29
N VAL B 146 -4.15 6.80 7.61
CA VAL B 146 -4.43 8.07 8.21
C VAL B 146 -3.43 9.17 7.82
N ILE B 147 -2.13 8.89 7.93
N ILE B 147 -2.15 8.89 7.93
CA ILE B 147 -1.10 9.87 7.50
CA ILE B 147 -1.18 9.94 7.64
C ILE B 147 -1.27 10.23 6.07
C ILE B 147 -1.13 10.18 6.09
N SER B 148 -1.51 9.21 5.26
CA SER B 148 -1.64 9.40 3.83
CA SER B 148 -1.64 9.41 3.83
C SER B 148 -2.85 10.32 3.51
N ALA B 149 -3.97 10.08 4.18
CA ALA B 149 -5.15 10.91 4.02
C ALA B 149 -4.83 12.33 4.44
N MET B 150 -4.11 12.49 5.55
CA MET B 150 -3.74 13.80 6.03
C MET B 150 -2.81 14.58 5.08
N ASN B 151 -1.84 13.91 4.49
CA ASN B 151 -1.07 14.58 3.43
C ASN B 151 -1.92 15.13 2.31
N ALA B 152 -2.90 14.35 1.84
CA ALA B 152 -3.84 14.81 0.85
C ALA B 152 -4.58 16.06 1.28
N LEU B 153 -5.05 16.07 2.54
CA LEU B 153 -5.80 17.23 3.09
C LEU B 153 -4.96 18.47 3.19
N LYS B 154 -3.65 18.30 3.35
CA LYS B 154 -2.76 19.42 3.49
C LYS B 154 -2.11 19.87 2.17
N SER B 155 -2.33 19.16 1.08
CA SER B 155 -1.60 19.36 -0.15
C SER B 155 -2.33 20.10 -1.27
N GLY B 156 -3.59 20.44 -1.05
CA GLY B 156 -4.40 21.06 -2.10
C GLY B 156 -5.24 20.08 -2.87
N SER B 157 -5.04 18.79 -2.67
CA SER B 157 -5.78 17.87 -3.49
C SER B 157 -7.04 17.28 -2.83
N ALA B 158 -7.24 17.51 -1.54
CA ALA B 158 -8.42 16.97 -0.88
C ALA B 158 -8.82 17.87 0.26
N ASP B 159 -10.12 17.94 0.51
CA ASP B 159 -10.61 18.64 1.70
C ASP B 159 -11.33 17.74 2.67
N ILE B 160 -11.86 16.64 2.15
CA ILE B 160 -12.47 15.58 2.94
C ILE B 160 -11.93 14.24 2.43
N THR B 161 -11.51 13.35 3.36
CA THR B 161 -11.01 12.03 2.98
C THR B 161 -11.63 10.93 3.83
N LEU B 162 -11.65 9.72 3.31
CA LEU B 162 -12.10 8.58 4.01
C LEU B 162 -10.87 7.66 4.14
N ALA B 163 -10.51 7.31 5.38
CA ALA B 163 -9.44 6.35 5.64
C ALA B 163 -10.11 5.13 6.26
N VAL B 164 -10.02 3.96 5.63
CA VAL B 164 -10.65 2.78 6.19
C VAL B 164 -9.57 1.66 6.29
N GLY B 165 -9.67 0.84 7.34
CA GLY B 165 -8.76 -0.27 7.55
C GLY B 165 -9.55 -1.53 7.80
N VAL B 166 -9.23 -2.61 7.08
CA VAL B 166 -9.97 -3.85 7.13
C VAL B 166 -9.00 -5.01 7.11
N GLU B 167 -9.43 -6.15 7.68
CA GLU B 167 -8.67 -7.36 7.58
C GLU B 167 -9.57 -8.57 7.83
N VAL B 168 -9.29 -9.65 7.12
CA VAL B 168 -9.88 -10.97 7.37
C VAL B 168 -8.72 -11.94 7.49
N GLN B 169 -8.66 -12.59 8.66
CA GLN B 169 -7.58 -13.54 8.95
C GLN B 169 -8.08 -14.93 9.39
N THR B 170 -9.40 -15.09 9.50
CA THR B 170 -9.97 -16.37 10.06
C THR B 170 -10.08 -17.46 9.00
N THR B 171 -9.61 -17.20 7.79
CA THR B 171 -9.75 -18.16 6.69
C THR B 171 -8.61 -19.15 6.65
N ALA B 172 -7.65 -19.05 7.58
CA ALA B 172 -6.54 -20.06 7.67
C ALA B 172 -6.32 -20.46 9.11
N SER B 173 -5.60 -21.58 9.33
CA SER B 173 -5.23 -22.00 10.68
C SER B 173 -4.31 -21.00 11.38
N ALA B 174 -4.15 -21.18 12.69
CA ALA B 174 -3.25 -20.37 13.51
C ALA B 174 -1.80 -20.37 12.99
N ARG B 175 -1.34 -21.54 12.58
CA ARG B 175 0.04 -21.73 12.09
C ARG B 175 0.28 -21.13 10.72
N VAL B 176 -0.67 -21.34 9.82
CA VAL B 176 -0.62 -20.68 8.53
C VAL B 176 -0.67 -19.15 8.74
N GLY B 177 -1.57 -18.69 9.60
CA GLY B 177 -1.64 -17.30 9.97
C GLY B 177 -0.32 -16.71 10.43
N GLY B 178 0.44 -17.51 11.19
CA GLY B 178 1.78 -17.13 11.62
C GLY B 178 2.71 -16.89 10.48
N ASP B 179 2.65 -17.77 9.52
CA ASP B 179 3.49 -17.62 8.33
C ASP B 179 3.11 -16.36 7.52
N TYR B 180 1.80 -16.09 7.45
CA TYR B 180 1.31 -14.93 6.66
C TYR B 180 1.73 -13.63 7.38
N LEU B 181 1.52 -13.57 8.69
CA LEU B 181 1.97 -12.43 9.47
C LEU B 181 3.47 -12.24 9.43
N ALA B 182 4.22 -13.34 9.21
CA ALA B 182 5.69 -13.22 9.05
C ALA B 182 6.12 -12.36 7.89
N ARG B 183 5.21 -12.06 6.95
CA ARG B 183 5.47 -11.07 5.89
C ARG B 183 5.88 -9.70 6.47
N ALA B 184 5.62 -9.47 7.73
CA ALA B 184 5.99 -8.24 8.45
C ALA B 184 7.42 -8.26 8.98
N ALA B 185 7.96 -9.48 9.07
CA ALA B 185 9.32 -9.66 9.51
C ALA B 185 10.28 -9.53 8.38
N ASP B 186 11.59 -9.71 8.65
CA ASP B 186 12.56 -9.95 7.58
C ASP B 186 12.41 -11.43 7.28
N TYR B 187 11.55 -11.79 6.33
CA TYR B 187 11.10 -13.16 6.19
C TYR B 187 12.27 -14.13 6.00
N GLN B 188 13.19 -13.84 5.08
CA GLN B 188 14.36 -14.69 4.83
C GLN B 188 15.14 -14.92 6.11
N ARG B 189 15.27 -13.88 6.94
CA ARG B 189 16.08 -13.95 8.13
C ARG B 189 15.34 -14.56 9.31
N GLN B 190 14.03 -14.30 9.43
CA GLN B 190 13.33 -14.52 10.67
C GLN B 190 12.24 -15.57 10.68
N ARG B 191 11.72 -15.95 9.51
CA ARG B 191 10.64 -16.95 9.47
C ARG B 191 11.10 -18.29 10.14
N GLN B 192 12.40 -18.58 9.98
CA GLN B 192 13.05 -19.76 10.64
C GLN B 192 12.84 -19.83 12.17
N LEU B 193 12.61 -18.71 12.82
CA LEU B 193 12.44 -18.73 14.28
C LEU B 193 11.36 -19.68 14.77
N ASP B 194 10.20 -19.65 14.12
CA ASP B 194 9.04 -20.41 14.52
C ASP B 194 7.92 -20.15 13.50
N ASP B 195 7.04 -21.11 13.30
CA ASP B 195 5.78 -20.86 12.58
C ASP B 195 5.05 -19.62 13.10
N PHE B 196 5.02 -19.50 14.43
CA PHE B 196 4.49 -18.36 15.08
C PHE B 196 5.59 -17.27 15.17
N THR B 197 5.98 -16.71 14.03
CA THR B 197 7.15 -15.89 13.93
C THR B 197 7.09 -14.68 14.86
N PHE B 198 5.95 -13.99 14.84
CA PHE B 198 5.79 -12.78 15.70
C PHE B 198 5.67 -13.08 17.18
N PRO B 199 4.89 -14.08 17.53
CA PRO B 199 4.93 -14.48 18.96
C PRO B 199 6.38 -14.79 19.41
N CYS B 200 7.14 -15.42 18.53
CA CYS B 200 8.53 -15.76 18.86
C CYS B 200 9.44 -14.57 18.96
N LEU B 201 9.26 -13.61 18.07
CA LEU B 201 10.05 -12.37 18.15
C LEU B 201 9.75 -11.62 19.44
N PHE B 202 8.52 -11.65 19.92
CA PHE B 202 8.22 -10.98 21.18
C PHE B 202 8.64 -11.80 22.42
N ALA B 203 8.54 -13.12 22.31
CA ALA B 203 9.12 -14.03 23.35
C ALA B 203 10.60 -13.78 23.49
N LYS B 204 11.29 -13.52 22.39
CA LYS B 204 12.71 -13.21 22.37
C LYS B 204 12.98 -11.89 23.09
N ARG B 205 12.17 -10.85 22.87
CA ARG B 205 12.32 -9.64 23.65
C ARG B 205 12.16 -9.95 25.13
N MET B 206 11.14 -10.70 25.47
CA MET B 206 10.81 -10.98 26.90
C MET B 206 11.94 -11.72 27.63
N LYS B 207 12.61 -12.61 26.93
CA LYS B 207 13.82 -13.26 27.54
C LYS B 207 14.83 -12.19 27.95
N TYR B 208 15.13 -11.26 27.04
CA TYR B 208 16.13 -10.25 27.29
C TYR B 208 15.68 -9.29 28.35
N ILE B 209 14.39 -8.97 28.30
CA ILE B 209 13.73 -8.13 29.29
C ILE B 209 13.85 -8.76 30.70
N ALA B 210 13.54 -10.04 30.83
CA ALA B 210 13.65 -10.74 32.12
C ALA B 210 15.13 -10.77 32.58
N GLU B 211 16.04 -11.04 31.67
CA GLU B 211 17.48 -11.00 32.01
C GLU B 211 17.96 -9.63 32.48
N HIS B 212 17.29 -8.54 32.07
CA HIS B 212 17.69 -7.24 32.54
C HIS B 212 16.77 -6.68 33.58
N ASN B 213 15.93 -7.53 34.17
CA ASN B 213 14.99 -7.12 35.22
CA ASN B 213 14.97 -7.15 35.21
C ASN B 213 14.08 -5.95 34.82
N HIS B 214 13.74 -5.84 33.54
CA HIS B 214 13.05 -4.64 33.05
C HIS B 214 11.60 -4.66 33.43
N PHE B 215 10.97 -5.83 33.27
CA PHE B 215 9.74 -6.21 33.89
C PHE B 215 9.61 -7.72 33.86
N THR B 216 8.54 -8.24 34.42
CA THR B 216 8.33 -9.69 34.55
C THR B 216 7.13 -10.24 33.83
N MET B 217 7.06 -11.57 33.81
CA MET B 217 5.88 -12.25 33.28
C MET B 217 4.64 -12.06 34.16
N GLU B 218 4.83 -11.64 35.42
CA GLU B 218 3.69 -11.30 36.23
C GLU B 218 3.13 -9.93 35.81
N ASP B 219 3.99 -9.01 35.49
CA ASP B 219 3.59 -7.73 34.92
C ASP B 219 2.78 -7.87 33.61
N THR B 220 3.20 -8.78 32.75
CA THR B 220 2.52 -8.97 31.48
C THR B 220 1.18 -9.68 31.71
N ALA B 221 1.07 -10.52 32.74
CA ALA B 221 -0.21 -11.11 33.14
C ALA B 221 -1.17 -10.03 33.57
N ARG B 222 -0.65 -9.06 34.29
CA ARG B 222 -1.48 -7.94 34.73
CA ARG B 222 -1.46 -7.92 34.71
C ARG B 222 -2.03 -7.12 33.52
N VAL B 223 -1.23 -7.02 32.44
CA VAL B 223 -1.69 -6.30 31.21
C VAL B 223 -2.89 -7.08 30.68
N ALA B 224 -2.75 -8.39 30.54
CA ALA B 224 -3.86 -9.21 30.02
C ALA B 224 -5.09 -9.10 30.88
N ALA B 225 -4.91 -9.10 32.20
CA ALA B 225 -6.07 -9.08 33.08
C ALA B 225 -6.85 -7.78 32.83
N LYS B 226 -6.15 -6.65 32.74
CA LYS B 226 -6.79 -5.34 32.47
C LYS B 226 -7.50 -5.38 31.07
N ALA B 227 -6.83 -5.92 30.05
CA ALA B 227 -7.43 -5.99 28.71
C ALA B 227 -8.72 -6.76 28.70
N TYR B 228 -8.69 -7.97 29.28
CA TYR B 228 -9.90 -8.78 29.31
C TYR B 228 -11.00 -8.18 30.20
N ALA B 229 -10.65 -7.53 31.31
CA ALA B 229 -11.66 -6.83 32.09
C ALA B 229 -12.30 -5.70 31.25
N ASN B 230 -11.49 -4.94 30.54
CA ASN B 230 -12.01 -3.85 29.72
C ASN B 230 -12.87 -4.39 28.57
N GLY B 231 -12.42 -5.44 27.92
CA GLY B 231 -13.18 -6.08 26.83
C GLY B 231 -14.54 -6.60 27.28
N ASN B 232 -14.61 -7.06 28.55
CA ASN B 232 -15.90 -7.50 29.12
C ASN B 232 -16.93 -6.37 29.20
N LYS B 233 -16.48 -5.12 29.15
CA LYS B 233 -17.38 -3.97 29.09
C LYS B 233 -17.65 -3.44 27.65
N ASN B 234 -17.12 -4.14 26.65
CA ASN B 234 -17.16 -3.69 25.21
C ASN B 234 -17.76 -4.71 24.26
N PRO B 235 -19.05 -4.53 23.87
CA PRO B 235 -19.75 -5.48 23.00
C PRO B 235 -19.12 -5.68 21.62
N LEU B 236 -18.24 -4.77 21.21
CA LEU B 236 -17.51 -4.96 19.92
C LEU B 236 -16.28 -5.84 20.06
N ALA B 237 -15.81 -6.07 21.29
CA ALA B 237 -14.55 -6.84 21.51
C ALA B 237 -14.69 -8.29 21.15
N HIS B 238 -13.74 -8.80 20.36
CA HIS B 238 -13.59 -10.22 20.02
C HIS B 238 -13.78 -11.05 21.29
N MET B 239 -13.09 -10.66 22.36
CA MET B 239 -13.08 -11.48 23.59
C MET B 239 -14.06 -10.96 24.64
N HIS B 240 -15.06 -10.20 24.21
CA HIS B 240 -16.07 -9.66 25.12
C HIS B 240 -16.58 -10.66 26.15
N THR B 241 -16.89 -11.86 25.70
CA THR B 241 -17.52 -12.88 26.58
C THR B 241 -16.50 -13.71 27.38
N ARG B 242 -15.19 -13.51 27.18
CA ARG B 242 -14.20 -14.33 27.85
C ARG B 242 -13.73 -13.62 29.10
N LYS B 243 -13.90 -14.28 30.25
CA LYS B 243 -13.47 -13.69 31.51
C LYS B 243 -12.19 -14.40 31.96
N LEU B 244 -11.16 -13.63 32.30
CA LEU B 244 -9.88 -14.22 32.70
C LEU B 244 -9.38 -13.49 33.92
N THR B 245 -9.07 -14.23 35.01
CA THR B 245 -8.49 -13.59 36.19
C THR B 245 -7.00 -13.34 35.91
N PHE B 246 -6.42 -12.45 36.67
CA PHE B 246 -4.95 -12.32 36.73
C PHE B 246 -4.24 -13.69 36.88
N GLU B 247 -4.80 -14.56 37.72
CA GLU B 247 -4.15 -15.81 38.03
C GLU B 247 -4.13 -16.68 36.81
N GLN B 248 -5.23 -16.70 36.06
CA GLN B 248 -5.25 -17.44 34.80
C GLN B 248 -4.23 -16.87 33.80
N CYS B 249 -4.18 -15.52 33.72
CA CYS B 249 -3.28 -14.79 32.80
C CYS B 249 -1.86 -15.06 33.21
N ASN B 250 -1.64 -15.34 34.50
CA ASN B 250 -0.27 -15.63 34.99
C ASN B 250 0.11 -17.13 34.90
N GLY B 251 -0.74 -17.95 34.32
CA GLY B 251 -0.33 -19.32 34.02
C GLY B 251 -0.99 -20.36 34.90
N GLU B 252 -1.84 -19.93 35.83
CA GLU B 252 -2.63 -20.85 36.67
C GLU B 252 -3.92 -21.19 35.96
N ASP B 253 -3.75 -21.83 34.84
CA ASP B 253 -4.84 -22.37 34.08
C ASP B 253 -4.14 -23.28 33.13
N PRO B 254 -4.50 -24.58 33.18
CA PRO B 254 -3.80 -25.60 32.39
C PRO B 254 -3.90 -25.33 30.88
N SER B 255 -4.99 -24.70 30.45
CA SER B 255 -5.21 -24.37 29.05
C SER B 255 -4.42 -23.13 28.55
N ASN B 256 -3.87 -22.35 29.48
CA ASN B 256 -3.04 -21.22 29.11
C ASN B 256 -1.61 -21.65 28.85
N VAL B 257 -1.38 -22.30 27.72
CA VAL B 257 -0.11 -22.99 27.54
C VAL B 257 0.99 -22.15 26.90
N LYS B 258 2.21 -22.60 27.10
CA LYS B 258 3.36 -22.10 26.39
C LYS B 258 3.54 -22.85 25.05
N PHE B 259 3.07 -22.26 23.96
CA PHE B 259 2.78 -22.98 22.72
C PHE B 259 3.86 -22.91 21.69
N LEU B 260 4.90 -22.08 21.89
CA LEU B 260 5.91 -21.92 20.88
C LEU B 260 6.69 -23.23 20.72
N GLY B 261 7.24 -23.42 19.52
CA GLY B 261 8.14 -24.55 19.22
C GLY B 261 9.57 -24.26 19.57
N ASN B 262 10.00 -23.01 19.40
CA ASN B 262 11.39 -22.63 19.59
C ASN B 262 11.77 -22.75 21.09
N GLU B 263 12.67 -23.69 21.40
CA GLU B 263 12.98 -24.01 22.80
C GLU B 263 13.68 -22.87 23.55
N THR B 264 14.44 -22.05 22.84
CA THR B 264 15.12 -20.93 23.44
C THR B 264 14.16 -19.91 24.00
N TYR B 265 12.96 -19.81 23.42
CA TYR B 265 12.02 -18.73 23.79
C TYR B 265 10.69 -19.21 24.33
N LYS B 266 10.41 -20.50 24.18
CA LYS B 266 9.12 -21.10 24.53
C LYS B 266 8.61 -20.72 25.94
N GLU B 267 9.50 -20.57 26.92
CA GLU B 267 9.03 -20.38 28.33
C GLU B 267 8.55 -18.96 28.62
N TYR B 268 8.76 -18.06 27.66
CA TYR B 268 8.50 -16.66 27.88
C TYR B 268 7.19 -16.14 27.29
N LEU B 269 6.32 -17.02 26.83
CA LEU B 269 5.04 -16.59 26.23
C LEU B 269 3.93 -17.57 26.43
N ARG B 270 2.83 -17.10 27.00
CA ARG B 270 1.63 -17.86 27.17
C ARG B 270 0.58 -17.43 26.10
N MET B 271 -0.39 -18.28 25.87
CA MET B 271 -1.54 -17.99 25.02
C MET B 271 -2.13 -16.60 25.29
N THR B 272 -2.36 -16.29 26.56
CA THR B 272 -3.08 -15.06 26.92
C THR B 272 -2.21 -13.82 26.73
N ASP B 273 -0.92 -14.02 26.50
CA ASP B 273 -0.07 -12.89 26.19
C ASP B 273 -0.25 -12.35 24.74
N CYS B 274 -1.05 -13.04 23.92
CA CYS B 274 -1.05 -12.82 22.46
C CYS B 274 -2.33 -12.14 22.04
N SER B 275 -2.19 -11.19 21.10
CA SER B 275 -3.39 -10.56 20.49
C SER B 275 -4.14 -11.57 19.64
N GLN B 276 -5.40 -11.27 19.37
CA GLN B 276 -6.26 -12.21 18.65
C GLN B 276 -6.09 -12.21 17.11
N VAL B 277 -6.39 -13.34 16.50
CA VAL B 277 -6.52 -13.44 15.06
C VAL B 277 -7.97 -13.06 14.76
N SER B 278 -8.19 -11.84 14.28
CA SER B 278 -9.54 -11.30 14.15
C SER B 278 -9.88 -10.81 12.73
N ASP B 279 -11.20 -10.73 12.48
CA ASP B 279 -11.73 -10.10 11.28
C ASP B 279 -12.47 -8.84 11.73
N GLY B 280 -12.34 -7.77 10.96
CA GLY B 280 -13.03 -6.53 11.32
C GLY B 280 -12.57 -5.34 10.53
N GLY B 281 -13.28 -4.23 10.72
CA GLY B 281 -12.92 -2.97 10.07
C GLY B 281 -13.14 -1.76 10.91
N ALA B 282 -12.46 -0.68 10.57
CA ALA B 282 -12.63 0.60 11.22
C ALA B 282 -12.42 1.68 10.14
N GLY B 283 -13.14 2.78 10.27
CA GLY B 283 -13.03 3.88 9.33
C GLY B 283 -13.19 5.18 10.01
N VAL B 284 -12.64 6.22 9.40
CA VAL B 284 -12.69 7.58 9.88
C VAL B 284 -12.80 8.52 8.71
N VAL B 285 -13.55 9.62 8.91
CA VAL B 285 -13.58 10.72 7.95
C VAL B 285 -12.83 11.87 8.51
N LEU B 286 -11.87 12.37 7.71
CA LEU B 286 -10.99 13.39 8.12
C LEU B 286 -11.22 14.60 7.17
N ALA B 287 -11.22 15.79 7.73
CA ALA B 287 -11.52 17.04 6.99
C ALA B 287 -10.52 18.08 7.39
N ASN B 288 -10.16 18.96 6.43
CA ASN B 288 -9.48 20.19 6.76
C ASN B 288 -10.56 21.31 7.00
N GLU B 289 -10.14 22.53 7.23
CA GLU B 289 -11.10 23.65 7.49
C GLU B 289 -12.09 23.86 6.36
N GLU B 290 -11.62 23.74 5.12
CA GLU B 290 -12.52 23.87 4.00
C GLU B 290 -13.46 22.72 3.92
N GLY B 291 -13.00 21.52 4.30
CA GLY B 291 -13.87 20.39 4.35
C GLY B 291 -14.98 20.56 5.40
N LEU B 292 -14.62 21.06 6.57
CA LEU B 292 -15.66 21.36 7.60
C LEU B 292 -16.71 22.34 7.02
N ARG B 293 -16.23 23.38 6.40
CA ARG B 293 -17.12 24.41 5.83
C ARG B 293 -18.08 23.80 4.84
N LYS B 294 -17.59 22.95 3.93
CA LYS B 294 -18.47 22.26 2.99
C LYS B 294 -19.51 21.42 3.64
N MET B 295 -19.22 20.90 4.85
CA MET B 295 -20.20 20.06 5.54
C MET B 295 -21.13 20.88 6.46
N GLY B 296 -20.90 22.19 6.58
CA GLY B 296 -21.68 23.06 7.47
C GLY B 296 -21.19 23.07 8.89
N LEU B 297 -19.92 22.67 9.11
CA LEU B 297 -19.40 22.57 10.46
C LEU B 297 -18.40 23.66 10.73
N SER B 298 -18.38 24.15 11.96
CA SER B 298 -17.32 25.05 12.35
C SER B 298 -16.23 24.25 13.06
N PRO B 299 -15.00 24.75 13.06
CA PRO B 299 -13.92 24.04 13.76
C PRO B 299 -14.09 23.99 15.29
N ASN B 300 -15.11 24.66 15.82
CA ASN B 300 -15.43 24.61 17.26
C ASN B 300 -16.58 23.69 17.63
N ASP B 301 -17.07 22.94 16.65
CA ASP B 301 -18.15 22.02 16.85
C ASP B 301 -17.76 20.90 17.82
N SER B 302 -18.60 20.69 18.83
CA SER B 302 -18.28 19.80 19.94
C SER B 302 -18.34 18.35 19.55
N ARG B 303 -18.75 18.05 18.32
CA ARG B 303 -18.66 16.65 17.79
C ARG B 303 -17.29 16.24 17.19
N LEU B 304 -16.41 17.17 17.08
CA LEU B 304 -15.14 17.03 16.36
C LEU B 304 -14.00 16.72 17.36
N VAL B 305 -12.94 16.12 16.83
CA VAL B 305 -11.63 16.05 17.51
C VAL B 305 -10.59 16.50 16.51
N GLU B 306 -9.64 17.30 16.97
CA GLU B 306 -8.57 17.77 16.12
C GLU B 306 -7.40 16.81 16.20
N ILE B 307 -6.86 16.43 15.04
CA ILE B 307 -5.55 15.74 15.04
C ILE B 307 -4.49 16.83 15.04
N LYS B 308 -3.92 17.06 16.20
CA LYS B 308 -2.96 18.13 16.38
C LYS B 308 -1.62 17.82 15.68
N SER B 309 -1.27 16.55 15.63
CA SER B 309 -0.02 16.12 14.98
C SER B 309 -0.14 14.66 14.66
N ILE B 310 0.62 14.25 13.64
CA ILE B 310 0.83 12.84 13.32
C ILE B 310 2.28 12.69 12.82
N ALA B 311 2.92 11.56 13.13
CA ALA B 311 4.32 11.35 12.70
C ALA B 311 4.52 9.89 12.44
N CYS B 312 5.46 9.60 11.53
CA CYS B 312 5.82 8.27 11.16
C CYS B 312 7.33 8.12 11.26
N ALA B 313 7.79 6.96 11.74
CA ALA B 313 9.23 6.64 11.81
C ALA B 313 9.39 5.20 11.41
N VAL B 314 10.38 4.91 10.57
CA VAL B 314 10.61 3.58 10.03
C VAL B 314 12.10 3.26 10.21
N SER B 315 12.38 2.08 10.72
CA SER B 315 13.76 1.61 10.93
C SER B 315 14.13 0.56 9.87
N ASN B 316 15.23 -0.17 10.09
CA ASN B 316 15.78 -1.09 9.11
C ASN B 316 15.19 -2.51 9.37
N LEU B 317 14.51 -3.04 8.39
CA LEU B 317 13.93 -4.35 8.45
C LEU B 317 15.00 -5.43 8.71
N TYR B 318 16.21 -5.15 8.23
CA TYR B 318 17.24 -6.17 8.15
C TYR B 318 18.11 -6.27 9.38
N GLU B 319 18.00 -5.31 10.29
CA GLU B 319 18.87 -5.23 11.46
C GLU B 319 18.04 -4.90 12.66
N ASP B 320 18.40 -5.50 13.81
CA ASP B 320 17.71 -5.29 15.06
C ASP B 320 18.61 -4.61 16.09
N PRO B 321 18.07 -3.64 16.84
CA PRO B 321 18.84 -3.07 17.92
C PRO B 321 19.11 -4.12 18.99
N ASP B 322 20.26 -4.01 19.66
CA ASP B 322 20.56 -4.92 20.80
C ASP B 322 19.60 -4.76 21.97
N ASP B 323 19.24 -3.53 22.30
CA ASP B 323 18.40 -3.34 23.50
C ASP B 323 16.92 -3.64 23.20
N ALA B 324 16.56 -4.91 23.44
CA ALA B 324 15.18 -5.37 23.35
C ALA B 324 14.22 -4.69 24.32
N CYS B 325 14.76 -4.00 25.35
CA CYS B 325 13.96 -3.32 26.32
C CYS B 325 13.44 -1.95 25.82
N CYS B 326 13.84 -1.52 24.62
CA CYS B 326 13.40 -0.25 24.07
C CYS B 326 12.87 -0.43 22.67
N MET B 327 11.64 0.04 22.43
CA MET B 327 11.12 0.12 21.07
C MET B 327 11.52 1.46 20.50
N PHE B 328 12.76 1.56 20.01
CA PHE B 328 13.30 2.84 19.54
C PHE B 328 12.49 3.52 18.45
N THR B 329 11.89 2.73 17.59
CA THR B 329 11.17 3.31 16.43
C THR B 329 9.88 3.94 16.87
N SER B 330 9.12 3.19 17.66
CA SER B 330 7.90 3.68 18.28
C SER B 330 8.20 4.87 19.13
N ARG B 331 9.33 4.84 19.85
CA ARG B 331 9.69 5.97 20.67
C ARG B 331 9.93 7.24 19.83
N GLN B 332 10.65 7.10 18.72
CA GLN B 332 10.85 8.18 17.78
C GLN B 332 9.54 8.75 17.24
N ALA B 333 8.60 7.88 16.86
CA ALA B 333 7.35 8.38 16.31
C ALA B 333 6.58 9.16 17.35
N ALA B 334 6.48 8.63 18.56
CA ALA B 334 5.76 9.30 19.65
C ALA B 334 6.43 10.64 19.98
N GLN B 335 7.75 10.64 20.09
CA GLN B 335 8.45 11.88 20.43
C GLN B 335 8.27 12.99 19.38
N LYS B 336 8.29 12.63 18.10
CA LYS B 336 8.05 13.52 17.00
C LYS B 336 6.56 14.09 17.14
N ALA B 337 5.59 13.20 17.32
CA ALA B 337 4.16 13.62 17.40
C ALA B 337 3.95 14.57 18.59
N LEU B 338 4.48 14.21 19.76
CA LEU B 338 4.32 15.06 20.96
C LEU B 338 4.99 16.40 20.80
N SER B 339 6.17 16.37 20.20
CA SER B 339 6.91 17.58 19.99
C SER B 339 6.21 18.49 18.96
N MET B 340 5.67 17.91 17.90
CA MET B 340 4.87 18.68 16.91
C MET B 340 3.64 19.29 17.54
N ALA B 341 3.04 18.60 18.50
CA ALA B 341 1.81 19.09 19.19
C ALA B 341 2.15 19.98 20.37
N ASN B 342 3.45 20.12 20.66
CA ASN B 342 3.92 20.92 21.78
C ASN B 342 3.33 20.49 23.10
N ILE B 343 3.26 19.17 23.35
CA ILE B 343 2.83 18.65 24.63
C ILE B 343 3.84 17.61 25.17
N LYS B 344 3.73 17.27 26.44
CA LYS B 344 4.53 16.22 27.03
C LYS B 344 3.66 15.01 27.29
N PRO B 345 4.29 13.83 27.51
CA PRO B 345 3.48 12.67 27.84
C PRO B 345 2.61 12.84 29.07
N SER B 346 3.08 13.61 30.05
CA SER B 346 2.29 13.78 31.26
C SER B 346 1.00 14.61 31.05
N ASP B 347 0.92 15.30 29.91
CA ASP B 347 -0.34 15.98 29.50
C ASP B 347 -1.42 15.07 28.95
N LEU B 348 -1.08 13.84 28.60
CA LEU B 348 -2.04 12.92 28.02
C LEU B 348 -3.09 12.45 29.02
N ASN B 349 -4.36 12.31 28.62
CA ASN B 349 -5.45 11.83 29.48
C ASN B 349 -5.94 10.45 29.14
N VAL B 350 -5.61 9.98 27.92
CA VAL B 350 -6.00 8.67 27.42
C VAL B 350 -5.02 8.29 26.31
N ALA B 351 -4.83 6.99 26.10
CA ALA B 351 -4.03 6.50 24.99
C ALA B 351 -4.51 5.18 24.48
N GLU B 352 -4.15 4.93 23.21
CA GLU B 352 -4.28 3.65 22.57
C GLU B 352 -2.90 3.25 22.02
N VAL B 353 -2.45 2.06 22.41
CA VAL B 353 -1.12 1.60 22.06
C VAL B 353 -1.24 0.23 21.49
N HIS B 354 -0.16 -0.21 20.88
CA HIS B 354 -0.11 -1.40 20.06
C HIS B 354 0.30 -2.64 20.89
N ASP B 355 -0.65 -3.16 21.64
CA ASP B 355 -0.49 -4.38 22.46
C ASP B 355 -0.63 -5.66 21.67
N CYS B 356 0.18 -5.85 20.65
CA CYS B 356 0.06 -7.03 19.86
C CYS B 356 0.42 -8.25 20.76
N PHE B 357 1.25 -8.00 21.79
CA PHE B 357 1.44 -8.92 22.94
C PHE B 357 1.40 -8.09 24.19
N THR B 358 1.09 -8.70 25.32
CA THR B 358 1.22 -8.01 26.60
C THR B 358 2.58 -7.33 26.79
N ILE B 359 3.61 -8.03 26.34
CA ILE B 359 4.98 -7.57 26.35
C ILE B 359 5.09 -6.22 25.60
N ALA B 360 4.40 -6.14 24.46
CA ALA B 360 4.38 -4.90 23.67
C ALA B 360 3.73 -3.76 24.41
N GLU B 361 2.64 -4.02 25.12
CA GLU B 361 1.99 -2.96 25.88
C GLU B 361 2.95 -2.27 26.86
N MET B 362 3.69 -3.06 27.61
CA MET B 362 4.64 -2.53 28.59
C MET B 362 5.66 -1.66 27.90
N LEU B 363 6.24 -2.14 26.81
CA LEU B 363 7.25 -1.37 26.04
C LEU B 363 6.63 -0.07 25.43
N MET B 364 5.37 -0.17 25.04
CA MET B 364 4.62 1.01 24.53
C MET B 364 4.48 2.11 25.57
N TYR B 365 4.27 1.77 26.84
CA TYR B 365 4.21 2.82 27.87
C TYR B 365 5.49 3.65 27.88
N GLU B 366 6.64 2.97 27.75
CA GLU B 366 7.91 3.64 27.76
C GLU B 366 8.21 4.36 26.43
N ALA B 367 7.80 3.78 25.30
CA ALA B 367 8.01 4.45 24.02
C ALA B 367 7.17 5.74 23.94
N LEU B 368 5.94 5.68 24.42
CA LEU B 368 5.00 6.84 24.42
C LEU B 368 5.51 7.90 25.41
N GLY B 369 6.24 7.45 26.42
CA GLY B 369 6.83 8.29 27.44
C GLY B 369 6.00 8.51 28.66
N ILE B 370 4.90 7.78 28.83
CA ILE B 370 4.10 7.88 30.06
C ILE B 370 4.80 7.14 31.25
N ALA B 371 5.78 6.29 30.97
CA ALA B 371 6.69 5.74 31.97
C ALA B 371 8.09 5.95 31.43
N GLU B 372 9.02 6.23 32.33
CA GLU B 372 10.43 6.27 32.01
C GLU B 372 10.92 4.85 31.73
N TYR B 373 12.09 4.75 31.10
CA TYR B 373 12.73 3.49 30.79
C TYR B 373 12.89 2.69 32.07
N GLY B 374 12.35 1.49 32.10
CA GLY B 374 12.41 0.61 33.26
C GLY B 374 11.26 0.75 34.22
N HIS B 375 10.31 1.63 33.92
CA HIS B 375 9.22 1.93 34.86
C HIS B 375 7.83 1.67 34.39
N ALA B 376 7.66 1.11 33.19
CA ALA B 376 6.32 0.61 32.82
C ALA B 376 5.78 -0.30 33.94
N LYS B 377 6.67 -1.06 34.58
CA LYS B 377 6.20 -1.99 35.62
C LYS B 377 5.55 -1.23 36.78
N ASP B 378 6.02 -0.02 37.06
CA ASP B 378 5.40 0.79 38.11
C ASP B 378 3.93 1.09 37.77
N LEU B 379 3.69 1.42 36.51
CA LEU B 379 2.33 1.78 36.06
C LEU B 379 1.41 0.61 36.12
N ILE B 380 1.81 -0.57 35.65
CA ILE B 380 0.88 -1.71 35.61
C ILE B 380 0.59 -2.19 37.03
N ARG B 381 1.59 -2.09 37.92
CA ARG B 381 1.39 -2.52 39.32
C ARG B 381 0.51 -1.57 40.10
N ASN B 382 0.58 -0.27 39.83
CA ASN B 382 -0.23 0.71 40.54
C ASN B 382 -1.59 0.97 39.91
N GLY B 383 -1.89 0.39 38.74
CA GLY B 383 -3.22 0.57 38.13
C GLY B 383 -3.40 1.91 37.40
N ASP B 384 -2.33 2.61 37.13
CA ASP B 384 -2.41 3.93 36.50
C ASP B 384 -3.04 3.90 35.06
N THR B 385 -2.98 2.74 34.40
CA THR B 385 -3.44 2.61 33.01
C THR B 385 -4.79 1.89 32.90
N THR B 386 -5.39 1.55 34.06
CA THR B 386 -6.72 0.95 34.12
C THR B 386 -7.73 2.11 33.87
N LEU B 387 -8.98 1.74 33.69
CA LEU B 387 -10.07 2.68 33.44
C LEU B 387 -10.20 3.73 34.52
N GLU B 388 -9.86 3.37 35.75
CA GLU B 388 -9.97 4.26 36.90
C GLU B 388 -8.65 5.00 37.16
N GLY B 389 -7.59 4.68 36.42
CA GLY B 389 -6.32 5.36 36.60
C GLY B 389 -6.19 6.72 36.00
N ARG B 390 -5.08 7.39 36.27
CA ARG B 390 -4.88 8.72 35.72
C ARG B 390 -4.48 8.76 34.21
N ILE B 391 -4.05 7.63 33.63
CA ILE B 391 -3.77 7.56 32.18
C ILE B 391 -4.27 6.24 31.59
N PRO B 392 -5.62 6.11 31.39
CA PRO B 392 -6.14 4.86 30.93
C PRO B 392 -5.55 4.56 29.56
N VAL B 393 -5.22 3.31 29.32
CA VAL B 393 -4.72 2.88 28.03
C VAL B 393 -5.54 1.73 27.53
N ASN B 394 -5.92 1.77 26.26
CA ASN B 394 -6.61 0.63 25.66
C ASN B 394 -7.86 0.25 26.47
N THR B 395 -8.71 1.28 26.63
CA THR B 395 -9.90 1.27 27.50
C THR B 395 -10.95 0.26 27.08
N GLY B 396 -10.94 -0.18 25.80
CA GLY B 396 -11.92 -1.11 25.28
C GLY B 396 -11.42 -2.52 25.05
N GLY B 397 -10.16 -2.80 25.44
CA GLY B 397 -9.66 -4.19 25.35
C GLY B 397 -8.32 -4.33 24.67
N GLY B 398 -7.91 -3.30 23.92
CA GLY B 398 -6.72 -3.42 23.04
C GLY B 398 -6.74 -4.52 22.02
N LEU B 399 -5.59 -4.71 21.40
CA LEU B 399 -5.40 -5.78 20.45
C LEU B 399 -5.64 -7.16 21.14
N LEU B 400 -5.40 -7.22 22.46
CA LEU B 400 -5.48 -8.47 23.21
C LEU B 400 -6.92 -8.99 23.33
N SER B 401 -7.87 -8.09 23.61
CA SER B 401 -9.28 -8.48 23.82
CA SER B 401 -9.28 -8.50 23.79
C SER B 401 -10.25 -7.90 22.78
N PHE B 402 -10.12 -6.60 22.50
CA PHE B 402 -10.90 -5.98 21.34
C PHE B 402 -10.60 -6.79 20.14
N GLY B 403 -9.33 -7.15 19.95
CA GLY B 403 -8.93 -8.00 18.85
C GLY B 403 -8.03 -7.25 17.86
N HIS B 404 -7.51 -7.94 16.87
CA HIS B 404 -6.44 -7.41 15.97
C HIS B 404 -6.61 -7.84 14.53
N PRO B 405 -7.62 -7.27 13.81
CA PRO B 405 -7.68 -7.37 12.36
C PRO B 405 -6.65 -6.33 11.90
N VAL B 406 -5.47 -6.80 11.50
N VAL B 406 -5.46 -6.79 11.52
CA VAL B 406 -4.27 -5.95 11.50
CA VAL B 406 -4.26 -5.96 11.48
C VAL B 406 -4.45 -4.59 10.79
C VAL B 406 -4.45 -4.60 10.78
N GLY B 407 -4.97 -4.61 9.57
CA GLY B 407 -5.23 -3.35 8.86
C GLY B 407 -6.16 -2.38 9.49
N ALA B 408 -7.16 -2.87 10.21
CA ALA B 408 -8.09 -2.00 10.97
C ALA B 408 -7.53 -1.35 12.19
N THR B 409 -6.52 -1.98 12.82
CA THR B 409 -6.08 -1.54 14.15
C THR B 409 -5.71 -0.12 14.29
N GLY B 410 -4.90 0.38 13.36
CA GLY B 410 -4.51 1.77 13.46
C GLY B 410 -5.66 2.78 13.42
N ILE B 411 -6.67 2.49 12.63
CA ILE B 411 -7.84 3.40 12.56
C ILE B 411 -8.71 3.17 13.82
N LYS B 412 -8.85 1.92 14.24
CA LYS B 412 -9.57 1.65 15.52
C LYS B 412 -8.99 2.45 16.66
N GLN B 413 -7.66 2.58 16.74
CA GLN B 413 -7.04 3.37 17.80
C GLN B 413 -7.49 4.83 17.81
N ILE B 414 -7.47 5.44 16.63
CA ILE B 414 -7.90 6.83 16.48
C ILE B 414 -9.34 6.92 16.92
N MET B 415 -10.16 5.99 16.44
CA MET B 415 -11.60 6.07 16.75
C MET B 415 -11.93 5.82 18.24
N GLU B 416 -11.11 5.00 18.94
CA GLU B 416 -11.33 4.77 20.38
C GLU B 416 -11.02 5.97 21.20
N VAL B 417 -9.99 6.73 20.86
CA VAL B 417 -9.71 7.99 21.49
C VAL B 417 -10.87 8.99 21.22
N TYR B 418 -11.29 9.03 19.96
CA TYR B 418 -12.45 9.83 19.59
C TYR B 418 -13.71 9.47 20.44
N ARG B 419 -14.01 8.18 20.54
CA ARG B 419 -15.19 7.71 21.25
C ARG B 419 -15.13 8.07 22.71
N GLN B 420 -13.95 7.91 23.34
CA GLN B 420 -13.82 8.37 24.75
C GLN B 420 -14.02 9.87 24.91
N MET B 421 -13.42 10.63 24.00
CA MET B 421 -13.51 12.06 24.03
C MET B 421 -14.97 12.57 23.85
N LYS B 422 -15.78 11.82 23.13
CA LYS B 422 -17.17 12.22 22.85
C LYS B 422 -18.15 11.51 23.76
N GLY B 423 -17.65 10.78 24.75
CA GLY B 423 -18.54 10.10 25.71
C GLY B 423 -19.35 8.95 25.17
N GLN B 424 -18.85 8.23 24.19
CA GLN B 424 -19.66 7.21 23.53
C GLN B 424 -19.39 5.77 23.93
N CYS B 425 -18.49 5.55 24.90
CA CYS B 425 -18.02 4.19 25.19
C CYS B 425 -18.88 3.41 26.21
N GLU B 426 -19.96 4.02 26.70
CA GLU B 426 -20.95 3.29 27.51
CA GLU B 426 -20.95 3.28 27.51
C GLU B 426 -20.26 2.60 28.73
N ALA B 427 -20.29 1.27 28.81
CA ALA B 427 -19.82 0.57 30.04
C ALA B 427 -18.33 0.76 30.26
N TYR B 428 -17.55 1.13 29.22
CA TYR B 428 -16.12 1.46 29.45
C TYR B 428 -15.75 2.90 29.26
N GLN B 429 -16.75 3.77 29.28
CA GLN B 429 -16.51 5.19 29.25
C GLN B 429 -15.77 5.74 30.46
N MET B 430 -14.77 6.53 30.17
CA MET B 430 -14.05 7.24 31.20
C MET B 430 -14.98 8.25 31.85
N LYS B 431 -14.89 8.34 33.18
CA LYS B 431 -15.71 9.27 33.96
C LYS B 431 -15.28 10.71 33.76
N LYS B 432 -13.98 10.95 33.64
CA LYS B 432 -13.47 12.26 33.32
C LYS B 432 -13.16 12.26 31.79
N ILE B 433 -13.93 13.03 31.04
CA ILE B 433 -13.73 13.13 29.59
C ILE B 433 -12.31 13.59 29.24
N PRO B 434 -11.59 12.79 28.44
CA PRO B 434 -10.22 13.24 28.15
C PRO B 434 -10.08 14.49 27.23
N ALA B 435 -9.19 15.39 27.54
CA ALA B 435 -8.87 16.55 26.74
C ALA B 435 -7.82 16.24 25.67
N LEU B 436 -6.80 15.46 26.04
CA LEU B 436 -5.68 15.11 25.12
C LEU B 436 -5.52 13.58 25.11
N GLY B 437 -5.30 13.03 23.94
CA GLY B 437 -5.07 11.61 23.77
C GLY B 437 -3.94 11.39 22.77
N ALA B 438 -3.40 10.18 22.80
CA ALA B 438 -2.38 9.78 21.85
C ALA B 438 -2.62 8.37 21.40
N THR B 439 -2.27 8.12 20.14
CA THR B 439 -2.16 6.78 19.55
C THR B 439 -0.73 6.43 19.23
N LEU B 440 -0.46 5.14 19.33
CA LEU B 440 0.82 4.61 18.88
C LEU B 440 0.53 3.26 18.24
N ASN B 441 0.72 3.21 16.93
CA ASN B 441 0.47 2.07 16.08
C ASN B 441 1.80 1.59 15.51
N MET B 442 2.01 0.27 15.54
CA MET B 442 3.34 -0.28 15.22
C MET B 442 3.14 -1.32 14.15
N GLY B 443 4.14 -1.46 13.29
CA GLY B 443 4.21 -2.49 12.31
C GLY B 443 5.42 -3.38 12.57
N GLY B 444 5.17 -4.67 12.54
CA GLY B 444 6.24 -5.65 12.71
C GLY B 444 6.89 -5.51 14.07
N ASP B 445 8.17 -5.89 14.15
CA ASP B 445 8.90 -5.81 15.41
C ASP B 445 9.51 -4.44 15.52
N ASP B 446 8.63 -3.46 15.78
CA ASP B 446 9.01 -2.09 15.93
C ASP B 446 9.81 -1.58 14.73
N LYS B 447 9.41 -1.95 13.51
CA LYS B 447 10.04 -1.47 12.30
C LYS B 447 9.32 -0.29 11.62
N THR B 448 7.99 -0.20 11.80
CA THR B 448 7.22 1.01 11.43
C THR B 448 6.46 1.48 12.65
N ALA B 449 6.42 2.79 12.91
CA ALA B 449 5.53 3.33 13.90
C ALA B 449 4.82 4.60 13.38
N VAL B 450 3.55 4.74 13.77
CA VAL B 450 2.75 5.95 13.51
C VAL B 450 2.13 6.40 14.81
N SER B 451 2.30 7.68 15.16
CA SER B 451 1.76 8.21 16.37
C SER B 451 1.03 9.55 16.14
N ALA B 452 -0.13 9.70 16.79
CA ALA B 452 -0.96 10.92 16.62
C ALA B 452 -1.30 11.48 17.99
N VAL B 453 -1.41 12.80 18.06
CA VAL B 453 -1.87 13.53 19.21
C VAL B 453 -3.24 14.17 18.84
N LEU B 454 -4.26 13.82 19.60
CA LEU B 454 -5.63 14.20 19.38
C LEU B 454 -6.01 15.17 20.51
N GLN B 455 -6.74 16.21 20.16
CA GLN B 455 -7.18 17.21 21.07
C GLN B 455 -8.72 17.34 21.01
N ASN B 456 -9.38 17.24 22.16
CA ASN B 456 -10.82 17.23 22.20
C ASN B 456 -11.29 18.65 21.93
N ILE B 457 -12.45 18.74 21.30
CA ILE B 457 -13.09 20.05 21.00
C ILE B 457 -14.43 20.04 21.74
S DMS C . 0.41 -10.76 -18.12
O DMS C . 0.45 -10.71 -19.59
C1 DMS C . -1.19 -10.92 -17.58
C2 DMS C . 0.73 -9.20 -17.50
S DMS D . 19.93 3.86 -15.84
O DMS D . 20.55 2.76 -15.07
C1 DMS D . 18.82 4.71 -14.90
C2 DMS D . 18.89 3.22 -17.04
S DMS E . -18.31 6.69 -25.98
O DMS E . -17.02 6.10 -25.56
C1 DMS E . -19.42 6.60 -24.67
C2 DMS E . -19.07 5.73 -27.20
S DMS F . 19.98 -6.79 -30.74
O DMS F . 20.02 -7.70 -29.58
C1 DMS F . 20.22 -5.16 -30.26
C2 DMS F . 18.40 -6.76 -31.37
C1 MPD G . 2.98 -15.22 -19.34
C2 MPD G . 1.70 -15.45 -20.15
O2 MPD G . 1.85 -14.88 -21.45
CM MPD G . 0.49 -14.78 -19.53
C3 MPD G . 1.38 -16.94 -20.32
C4 MPD G . 2.58 -17.82 -20.67
O4 MPD G . 2.20 -19.21 -20.74
C5 MPD G . 3.19 -17.44 -22.01
S DMS H . 23.52 19.87 -11.97
O DMS H . 22.17 19.88 -12.60
C1 DMS H . 23.75 18.49 -10.93
C2 DMS H . 23.71 21.26 -10.97
S DMS I . -19.91 5.29 -18.78
O DMS I . -20.16 3.83 -18.62
C1 DMS I . -20.90 6.21 -17.73
C2 DMS I . -20.46 5.89 -20.29
C1 MPD J . 10.76 -12.23 33.70
C2 MPD J . 10.58 -13.46 34.52
O2 MPD J . 9.21 -13.42 34.70
CM MPD J . 11.33 -13.18 35.83
C3 MPD J . 11.02 -14.74 33.73
C4 MPD J . 10.54 -16.17 34.13
O4 MPD J . 10.44 -17.04 32.98
C5 MPD J . 11.46 -16.89 35.11
S DMS K . -0.31 -12.77 17.19
O DMS K . 0.79 -13.13 16.26
C1 DMS K . -1.64 -13.77 16.75
C2 DMS K . -0.87 -11.29 16.55
S DMS L . -12.64 20.09 25.98
O DMS L . -11.62 19.12 26.47
C1 DMS L . -13.86 19.26 25.09
C2 DMS L . -11.91 21.20 24.88
S DMS M . 4.15 8.09 5.26
O DMS M . 5.14 8.04 4.12
C1 DMS M . 2.68 8.56 4.51
C2 DMS M . 4.40 9.40 6.33
S DMS N . -3.83 8.81 -4.30
O DMS N . -3.67 9.09 -2.83
C1 DMS N . -4.44 10.23 -5.01
C2 DMS N . -5.06 7.66 -4.62
S DMS O . 20.19 3.12 18.74
O DMS O . 19.53 1.80 18.53
C1 DMS O . 20.36 3.43 20.43
C2 DMS O . 19.19 4.44 18.24
S DMS P . 4.28 -19.08 33.71
O DMS P . 3.92 -17.66 34.00
C1 DMS P . 3.65 -20.14 34.92
C2 DMS P . 5.99 -19.27 33.80
C1 MPD Q . -20.80 13.29 12.10
C2 MPD Q . -21.61 14.35 12.73
O2 MPD Q . -20.69 15.44 12.68
CM MPD Q . -21.83 13.87 14.15
C3 MPD Q . -22.96 14.39 11.93
C4 MPD Q . -23.62 15.63 11.28
O4 MPD Q . -22.74 16.77 11.17
C5 MPD Q . -24.57 15.32 10.03
S DMS R . 17.72 4.74 26.73
O DMS R . 17.20 3.61 25.90
C1 DMS R . 16.55 5.46 27.76
C2 DMS R . 18.13 6.07 25.72
C1 MPD S . -2.42 -17.25 17.38
C2 MPD S . -1.49 -17.64 18.55
O2 MPD S . -2.02 -17.31 19.85
CM MPD S . -0.16 -16.91 18.39
C3 MPD S . -1.23 -19.13 18.58
C4 MPD S . -2.47 -20.05 18.46
O4 MPD S . -2.27 -21.21 19.27
C5 MPD S . -3.85 -19.44 18.79
S DMS T . -5.23 -16.92 22.65
O DMS T . -4.88 -15.47 22.79
C1 DMS T . -6.57 -17.17 21.60
C2 DMS T . -5.88 -17.49 24.13
#